data_3NYW
#
_entry.id   3NYW
#
_cell.length_a   59.883
_cell.length_b   105.715
_cell.length_c   78.830
_cell.angle_alpha   90.00
_cell.angle_beta   98.31
_cell.angle_gamma   90.00
#
_symmetry.space_group_name_H-M   'P 1 21 1'
#
loop_
_entity.id
_entity.type
_entity.pdbx_description
1 polymer 'Putative oxidoreductase'
2 water water
#
_entity_poly.entity_id   1
_entity_poly.type   'polypeptide(L)'
_entity_poly.pdbx_seq_one_letter_code
;(MSE)SLEKQKGLAIITGASQGIGAVIAAGLATDGYRVVLIARSKQNLEKVHDEI(MSE)RSNKHVQEPIVLPLDITDCT
KADTEIKDIHQKYGAVDILVNAAA(MSE)F(MSE)DGSLSEPVDNFRKI(MSE)EINVIAQYGILKTVTEI(MSE)KVQK
NGYIFNVASRAAKYGFADGGIYGSTKFALLGLAESLYRELAPLGIRVTTLCPGWVNTD(MSE)AKKAGTPFKDEE(MSE)
IQPDDLLNTIRCLLNLSENVCIKDIVFE(MSE)KKSIIEGHHHHHH
;
_entity_poly.pdbx_strand_id   A,B,C,D
#
# COMPACT_ATOMS: atom_id res chain seq x y z
N LYS A 5 -12.36 34.80 -7.51
CA LYS A 5 -10.99 34.71 -6.91
C LYS A 5 -9.87 34.94 -7.93
N GLN A 6 -9.18 36.07 -7.79
CA GLN A 6 -8.08 36.43 -8.68
C GLN A 6 -6.96 35.38 -8.60
N LYS A 7 -6.29 35.13 -9.73
CA LYS A 7 -5.20 34.17 -9.75
C LYS A 7 -3.89 34.86 -9.31
N GLY A 8 -3.23 34.27 -8.31
CA GLY A 8 -2.00 34.83 -7.79
C GLY A 8 -0.73 34.22 -8.35
N LEU A 9 0.28 34.15 -7.49
CA LEU A 9 1.58 33.62 -7.84
C LEU A 9 1.61 32.09 -7.86
N ALA A 10 2.39 31.54 -8.79
CA ALA A 10 2.59 30.10 -8.94
C ALA A 10 4.10 29.90 -9.03
N ILE A 11 4.68 29.32 -7.98
CA ILE A 11 6.10 29.09 -7.94
C ILE A 11 6.45 27.70 -8.47
N ILE A 12 7.32 27.64 -9.47
CA ILE A 12 7.73 26.35 -10.05
C ILE A 12 9.24 26.13 -9.97
N THR A 13 9.66 25.04 -9.34
CA THR A 13 11.11 24.75 -9.26
C THR A 13 11.46 23.89 -10.48
N GLY A 14 12.72 23.93 -10.89
CA GLY A 14 13.16 23.19 -12.06
C GLY A 14 12.36 23.69 -13.25
N ALA A 15 12.22 25.01 -13.34
CA ALA A 15 11.43 25.64 -14.39
C ALA A 15 12.13 25.95 -15.70
N SER A 16 13.44 25.79 -15.76
CA SER A 16 14.16 26.10 -16.99
C SER A 16 14.14 24.99 -18.04
N GLN A 17 13.68 23.80 -17.67
CA GLN A 17 13.63 22.66 -18.58
C GLN A 17 12.66 21.58 -18.12
N GLY A 18 12.69 20.45 -18.84
CA GLY A 18 11.85 19.32 -18.51
C GLY A 18 10.40 19.59 -18.20
N ILE A 19 9.89 18.85 -17.22
CA ILE A 19 8.51 18.94 -16.79
C ILE A 19 8.17 20.30 -16.18
N GLY A 20 9.06 20.84 -15.37
CA GLY A 20 8.80 22.12 -14.74
C GLY A 20 8.56 23.22 -15.75
N ALA A 21 9.39 23.23 -16.79
CA ALA A 21 9.26 24.23 -17.84
C ALA A 21 7.89 24.21 -18.50
N VAL A 22 7.35 23.02 -18.77
CA VAL A 22 6.04 22.85 -19.39
C VAL A 22 4.89 23.26 -18.46
N ILE A 23 4.94 22.84 -17.20
CA ILE A 23 3.89 23.20 -16.26
C ILE A 23 3.87 24.72 -16.08
N ALA A 24 5.05 25.32 -15.90
CA ALA A 24 5.14 26.77 -15.73
C ALA A 24 4.47 27.49 -16.89
N ALA A 25 4.74 27.02 -18.11
CA ALA A 25 4.18 27.58 -19.33
C ALA A 25 2.65 27.50 -19.29
N GLY A 26 2.14 26.31 -18.97
CA GLY A 26 0.71 26.15 -18.91
C GLY A 26 0.05 27.01 -17.83
N LEU A 27 0.67 27.10 -16.65
CA LEU A 27 0.08 27.89 -15.58
C LEU A 27 0.06 29.37 -15.95
N ALA A 28 1.05 29.81 -16.71
CA ALA A 28 1.09 31.21 -17.15
C ALA A 28 -0.11 31.42 -18.10
N THR A 29 -0.34 30.47 -19.00
CA THR A 29 -1.46 30.59 -19.93
C THR A 29 -2.81 30.55 -19.22
N ASP A 30 -2.84 29.91 -18.05
CA ASP A 30 -4.08 29.82 -17.28
C ASP A 30 -4.41 31.10 -16.51
N GLY A 31 -3.43 32.01 -16.39
CA GLY A 31 -3.69 33.27 -15.70
C GLY A 31 -2.84 33.56 -14.49
N TYR A 32 -2.04 32.59 -14.05
CA TYR A 32 -1.19 32.78 -12.89
C TYR A 32 0.07 33.55 -13.26
N ARG A 33 0.65 34.25 -12.29
CA ARG A 33 1.89 34.96 -12.50
C ARG A 33 2.89 33.95 -11.99
N VAL A 34 3.65 33.36 -12.90
CA VAL A 34 4.61 32.33 -12.55
C VAL A 34 6.00 32.80 -12.13
N VAL A 35 6.57 32.12 -11.15
CA VAL A 35 7.89 32.43 -10.63
C VAL A 35 8.75 31.23 -11.04
N LEU A 36 9.65 31.49 -11.96
CA LEU A 36 10.48 30.44 -12.49
C LEU A 36 11.76 30.29 -11.64
N ILE A 37 11.93 29.14 -10.99
CA ILE A 37 13.14 28.88 -10.16
C ILE A 37 14.05 27.76 -10.76
N ALA A 38 15.35 28.03 -10.82
CA ALA A 38 16.36 27.13 -11.33
C ALA A 38 17.67 27.87 -11.21
N ARG A 39 18.79 27.23 -11.55
CA ARG A 39 20.07 27.92 -11.46
C ARG A 39 20.44 28.74 -12.70
N SER A 40 20.08 28.25 -13.87
CA SER A 40 20.39 28.97 -15.11
C SER A 40 19.51 30.18 -15.38
N LYS A 41 20.08 31.36 -15.20
CA LYS A 41 19.37 32.59 -15.46
C LYS A 41 19.05 32.62 -16.96
N GLN A 42 20.02 32.19 -17.77
CA GLN A 42 19.87 32.18 -19.22
C GLN A 42 18.67 31.34 -19.64
N ASN A 43 18.64 30.09 -19.18
CA ASN A 43 17.58 29.17 -19.52
C ASN A 43 16.23 29.55 -18.92
N LEU A 44 16.24 30.19 -17.76
CA LEU A 44 15.00 30.62 -17.15
C LEU A 44 14.43 31.70 -18.07
N GLU A 45 15.32 32.60 -18.51
CA GLU A 45 14.88 33.67 -19.39
C GLU A 45 14.34 33.15 -20.71
N LYS A 46 14.92 32.08 -21.25
CA LYS A 46 14.39 31.55 -22.50
C LYS A 46 12.96 31.10 -22.24
N VAL A 47 12.73 30.47 -21.08
CA VAL A 47 11.37 30.04 -20.75
C VAL A 47 10.50 31.27 -20.60
N HIS A 48 11.02 32.28 -19.93
CA HIS A 48 10.29 33.53 -19.78
C HIS A 48 9.94 34.09 -21.18
N ASP A 49 10.92 34.16 -22.07
CA ASP A 49 10.65 34.69 -23.41
C ASP A 49 9.69 33.84 -24.25
N GLU A 50 9.77 32.51 -24.12
CA GLU A 50 8.89 31.62 -24.87
C GLU A 50 7.43 31.81 -24.48
N ILE A 51 7.16 31.96 -23.18
CA ILE A 51 5.81 32.15 -22.67
C ILE A 51 5.24 33.48 -23.22
N MSE A 52 6.05 34.52 -23.20
CA MSE A 52 5.58 35.81 -23.71
C MSE A 52 5.30 35.76 -25.22
O MSE A 52 4.44 36.49 -25.71
CB MSE A 52 6.60 36.90 -23.40
CG MSE A 52 6.79 37.14 -21.91
SE MSE A 52 5.14 37.72 -21.03
CE MSE A 52 5.50 39.64 -21.03
N ARG A 53 6.02 34.91 -25.95
CA ARG A 53 5.81 34.79 -27.39
C ARG A 53 4.56 33.96 -27.66
N SER A 54 4.28 33.00 -26.79
CA SER A 54 3.10 32.15 -26.94
C SER A 54 1.84 32.96 -26.70
N ASN A 55 1.95 33.95 -25.82
CA ASN A 55 0.83 34.82 -25.51
C ASN A 55 1.35 36.06 -24.78
N LYS A 56 1.42 37.15 -25.52
CA LYS A 56 1.90 38.44 -25.05
C LYS A 56 1.11 39.08 -23.90
N HIS A 57 -0.15 38.72 -23.78
CA HIS A 57 -1.02 39.31 -22.75
C HIS A 57 -1.05 38.60 -21.40
N VAL A 58 -0.28 37.51 -21.28
CA VAL A 58 -0.23 36.75 -20.03
C VAL A 58 0.51 37.55 -18.97
N GLN A 59 0.25 37.28 -17.70
CA GLN A 59 0.98 37.98 -16.64
C GLN A 59 2.44 37.64 -16.92
N GLU A 60 3.33 38.61 -16.77
CA GLU A 60 4.74 38.38 -17.03
C GLU A 60 5.48 37.52 -16.02
N PRO A 61 6.10 36.42 -16.48
CA PRO A 61 6.83 35.51 -15.62
C PRO A 61 7.97 36.19 -14.88
N ILE A 62 8.12 35.85 -13.61
CA ILE A 62 9.18 36.40 -12.78
C ILE A 62 10.31 35.39 -12.85
N VAL A 63 11.46 35.84 -13.33
CA VAL A 63 12.63 34.97 -13.43
C VAL A 63 13.38 35.04 -12.10
N LEU A 64 13.66 33.88 -11.50
CA LEU A 64 14.36 33.85 -10.22
C LEU A 64 15.55 32.91 -10.20
N PRO A 65 16.73 33.41 -10.61
CA PRO A 65 17.99 32.66 -10.65
C PRO A 65 18.35 32.22 -9.25
N LEU A 66 18.10 30.94 -8.95
CA LEU A 66 18.36 30.44 -7.63
C LEU A 66 18.84 29.00 -7.53
N ASP A 67 19.73 28.77 -6.57
CA ASP A 67 20.24 27.46 -6.27
C ASP A 67 19.42 27.18 -5.01
N ILE A 68 18.39 26.35 -5.11
CA ILE A 68 17.54 26.09 -3.95
C ILE A 68 18.22 25.36 -2.79
N THR A 69 19.51 25.06 -2.94
CA THR A 69 20.26 24.40 -1.86
C THR A 69 20.69 25.51 -0.90
N ASP A 70 20.55 26.75 -1.35
CA ASP A 70 20.88 27.91 -0.52
C ASP A 70 19.56 28.32 0.13
N CYS A 71 19.09 27.45 1.03
CA CYS A 71 17.83 27.64 1.74
C CYS A 71 17.57 29.06 2.24
N THR A 72 18.61 29.72 2.77
CA THR A 72 18.46 31.08 3.27
C THR A 72 18.20 32.10 2.16
N LYS A 73 18.90 31.97 1.05
CA LYS A 73 18.69 32.88 -0.07
C LYS A 73 17.34 32.64 -0.72
N ALA A 74 16.89 31.39 -0.68
CA ALA A 74 15.60 31.04 -1.27
C ALA A 74 14.48 31.67 -0.46
N ASP A 75 14.56 31.53 0.85
CA ASP A 75 13.55 32.09 1.77
C ASP A 75 13.44 33.60 1.53
N THR A 76 14.58 34.27 1.53
CA THR A 76 14.61 35.72 1.32
C THR A 76 13.96 36.17 0.01
N GLU A 77 14.37 35.57 -1.10
CA GLU A 77 13.84 35.93 -2.41
C GLU A 77 12.33 35.67 -2.48
N ILE A 78 11.92 34.46 -2.12
CA ILE A 78 10.51 34.09 -2.16
C ILE A 78 9.65 35.04 -1.33
N LYS A 79 10.05 35.30 -0.09
CA LYS A 79 9.28 36.21 0.75
C LYS A 79 9.18 37.62 0.18
N ASP A 80 10.25 38.09 -0.47
CA ASP A 80 10.22 39.42 -1.06
C ASP A 80 9.18 39.47 -2.19
N ILE A 81 9.12 38.39 -2.97
CA ILE A 81 8.17 38.32 -4.08
C ILE A 81 6.75 38.28 -3.53
N HIS A 82 6.54 37.59 -2.41
CA HIS A 82 5.22 37.52 -1.80
C HIS A 82 4.83 38.92 -1.33
N GLN A 83 5.77 39.62 -0.72
CA GLN A 83 5.51 40.97 -0.24
C GLN A 83 5.19 41.84 -1.45
N LYS A 84 5.92 41.62 -2.53
CA LYS A 84 5.77 42.39 -3.75
C LYS A 84 4.51 42.10 -4.58
N TYR A 85 4.21 40.83 -4.79
CA TYR A 85 3.07 40.47 -5.64
C TYR A 85 1.84 39.86 -5.00
N GLY A 86 1.85 39.64 -3.69
CA GLY A 86 0.66 39.10 -3.08
C GLY A 86 0.59 37.61 -2.88
N ALA A 87 -0.64 37.12 -2.75
CA ALA A 87 -0.92 35.71 -2.50
C ALA A 87 -0.22 34.68 -3.39
N VAL A 88 0.31 33.65 -2.75
CA VAL A 88 0.97 32.55 -3.44
C VAL A 88 -0.07 31.43 -3.47
N ASP A 89 -0.59 31.13 -4.66
CA ASP A 89 -1.62 30.12 -4.83
C ASP A 89 -1.10 28.72 -4.98
N ILE A 90 0.04 28.59 -5.65
CA ILE A 90 0.58 27.29 -5.98
C ILE A 90 2.09 27.17 -5.89
N LEU A 91 2.53 25.98 -5.51
CA LEU A 91 3.95 25.65 -5.49
C LEU A 91 4.06 24.32 -6.25
N VAL A 92 4.89 24.27 -7.28
CA VAL A 92 5.10 23.01 -8.00
C VAL A 92 6.56 22.65 -7.81
N ASN A 93 6.84 21.51 -7.18
CA ASN A 93 8.20 21.07 -6.99
C ASN A 93 8.49 20.09 -8.12
N ALA A 94 9.16 20.60 -9.15
CA ALA A 94 9.48 19.81 -10.32
C ALA A 94 10.97 19.75 -10.60
N ALA A 95 11.79 20.20 -9.64
CA ALA A 95 13.24 20.15 -9.81
C ALA A 95 13.62 18.69 -10.01
N ALA A 96 14.46 18.41 -10.99
CA ALA A 96 14.91 17.06 -11.29
C ALA A 96 15.56 16.41 -10.09
N MSE A 97 15.68 15.09 -10.15
CA MSE A 97 16.31 14.32 -9.10
C MSE A 97 17.83 14.29 -9.32
O MSE A 97 18.29 13.76 -10.33
CB MSE A 97 15.77 12.89 -9.13
CG MSE A 97 16.28 12.02 -8.01
SE MSE A 97 15.44 12.50 -6.35
CE MSE A 97 14.32 10.92 -6.13
N PHE A 98 18.59 14.87 -8.40
CA PHE A 98 20.05 14.86 -8.51
C PHE A 98 20.48 13.51 -7.98
N MSE A 99 20.72 12.56 -8.87
CA MSE A 99 21.08 11.22 -8.44
C MSE A 99 22.47 10.72 -8.78
O MSE A 99 22.61 9.77 -9.56
CB MSE A 99 20.05 10.22 -8.95
CG MSE A 99 20.17 8.86 -8.29
SE MSE A 99 20.21 9.23 -6.40
CE MSE A 99 21.65 8.05 -5.80
N ASP A 100 23.48 11.33 -8.20
CA ASP A 100 24.87 10.92 -8.42
C ASP A 100 25.87 11.96 -7.99
N GLY A 101 26.80 11.52 -7.15
CA GLY A 101 27.85 12.39 -6.66
C GLY A 101 29.18 11.74 -6.95
N SER A 102 29.98 12.41 -7.76
CA SER A 102 31.29 11.91 -8.12
C SER A 102 32.28 12.21 -7.00
N LEU A 103 32.30 11.34 -6.00
CA LEU A 103 33.20 11.49 -4.85
C LEU A 103 33.67 10.11 -4.42
N SER A 104 34.79 10.07 -3.72
CA SER A 104 35.36 8.82 -3.24
C SER A 104 34.43 8.05 -2.31
N GLU A 105 34.19 8.62 -1.12
CA GLU A 105 33.33 7.99 -0.13
C GLU A 105 31.83 8.10 -0.40
N PRO A 106 31.15 6.96 -0.56
CA PRO A 106 29.71 6.90 -0.82
C PRO A 106 28.86 7.49 0.31
N VAL A 107 29.31 7.35 1.56
CA VAL A 107 28.58 7.88 2.68
C VAL A 107 28.52 9.40 2.53
N ASP A 108 29.54 9.96 1.87
CA ASP A 108 29.58 11.39 1.65
C ASP A 108 28.71 11.74 0.45
N ASN A 109 28.65 10.84 -0.52
CA ASN A 109 27.80 11.07 -1.69
C ASN A 109 26.35 11.00 -1.24
N PHE A 110 26.08 10.14 -0.26
CA PHE A 110 24.73 10.01 0.27
C PHE A 110 24.36 11.31 0.98
N ARG A 111 25.29 11.91 1.71
CA ARG A 111 25.01 13.16 2.39
C ARG A 111 24.62 14.22 1.37
N LYS A 112 25.48 14.43 0.38
CA LYS A 112 25.23 15.43 -0.66
C LYS A 112 23.92 15.19 -1.40
N ILE A 113 23.64 13.92 -1.70
CA ILE A 113 22.41 13.60 -2.41
C ILE A 113 21.18 13.94 -1.55
N MSE A 114 21.26 13.64 -0.27
CA MSE A 114 20.18 13.94 0.66
C MSE A 114 20.01 15.45 0.81
O MSE A 114 18.90 15.97 0.86
CB MSE A 114 20.47 13.29 2.02
CG MSE A 114 19.31 13.30 3.02
SE MSE A 114 17.77 12.29 2.39
CE MSE A 114 18.68 10.85 1.44
N GLU A 115 21.13 16.16 0.88
CA GLU A 115 21.13 17.61 1.02
C GLU A 115 20.47 18.32 -0.16
N ILE A 116 20.87 17.92 -1.37
CA ILE A 116 20.34 18.52 -2.59
C ILE A 116 18.88 18.19 -2.92
N ASN A 117 18.43 16.99 -2.55
CA ASN A 117 17.06 16.58 -2.85
C ASN A 117 16.03 16.68 -1.74
N VAL A 118 16.42 16.38 -0.51
CA VAL A 118 15.46 16.43 0.59
C VAL A 118 15.52 17.67 1.48
N ILE A 119 16.70 17.99 1.97
CA ILE A 119 16.86 19.17 2.83
C ILE A 119 16.48 20.42 2.04
N ALA A 120 16.91 20.50 0.80
CA ALA A 120 16.63 21.65 -0.05
C ALA A 120 15.12 21.76 -0.25
N GLN A 121 14.50 20.65 -0.65
CA GLN A 121 13.06 20.60 -0.86
C GLN A 121 12.34 21.07 0.41
N TYR A 122 12.81 20.60 1.56
CA TYR A 122 12.24 20.95 2.86
C TYR A 122 12.27 22.48 3.04
N GLY A 123 13.39 23.08 2.67
CA GLY A 123 13.56 24.51 2.79
C GLY A 123 12.49 25.26 2.01
N ILE A 124 12.40 24.98 0.71
CA ILE A 124 11.40 25.62 -0.15
C ILE A 124 10.01 25.44 0.46
N LEU A 125 9.70 24.20 0.83
CA LEU A 125 8.42 23.87 1.43
C LEU A 125 8.15 24.71 2.67
N LYS A 126 9.13 24.77 3.55
CA LYS A 126 9.01 25.52 4.80
C LYS A 126 8.63 26.98 4.53
N THR A 127 9.33 27.62 3.59
CA THR A 127 9.05 29.01 3.26
C THR A 127 7.66 29.22 2.67
N VAL A 128 7.31 28.42 1.66
CA VAL A 128 6.02 28.57 1.02
C VAL A 128 4.85 28.16 1.92
N THR A 129 5.03 27.12 2.73
CA THR A 129 3.95 26.70 3.62
C THR A 129 3.69 27.74 4.71
N GLU A 130 4.72 28.43 5.19
CA GLU A 130 4.38 29.43 6.20
C GLU A 130 3.68 30.62 5.57
N ILE A 131 3.87 30.83 4.27
CA ILE A 131 3.18 31.92 3.57
C ILE A 131 1.71 31.48 3.41
N MSE A 132 1.54 30.26 2.91
CA MSE A 132 0.21 29.69 2.69
C MSE A 132 -0.55 29.51 4.01
O MSE A 132 -1.77 29.66 4.04
CB MSE A 132 0.32 28.35 1.95
CG MSE A 132 0.67 28.48 0.48
SE MSE A 132 0.97 26.70 -0.27
CE MSE A 132 1.20 27.23 -2.11
N LYS A 133 0.15 29.17 5.08
CA LYS A 133 -0.52 28.99 6.36
C LYS A 133 -1.17 30.30 6.79
N VAL A 134 -0.49 31.42 6.56
CA VAL A 134 -1.04 32.72 6.90
C VAL A 134 -2.27 32.96 6.02
N GLN A 135 -2.17 32.59 4.75
CA GLN A 135 -3.28 32.76 3.80
C GLN A 135 -4.44 31.79 4.10
N LYS A 136 -4.16 30.68 4.77
CA LYS A 136 -5.17 29.65 5.01
C LYS A 136 -5.65 29.13 3.65
N ASN A 137 -4.73 29.02 2.69
CA ASN A 137 -5.04 28.55 1.34
C ASN A 137 -3.79 28.39 0.47
N GLY A 138 -3.87 27.45 -0.46
CA GLY A 138 -2.76 27.19 -1.36
C GLY A 138 -2.78 25.75 -1.83
N TYR A 139 -1.99 25.44 -2.85
CA TYR A 139 -1.93 24.08 -3.35
C TYR A 139 -0.48 23.72 -3.70
N ILE A 140 0.03 22.66 -3.07
CA ILE A 140 1.37 22.21 -3.31
C ILE A 140 1.34 20.93 -4.17
N PHE A 141 2.11 20.93 -5.26
CA PHE A 141 2.21 19.80 -6.16
C PHE A 141 3.67 19.27 -6.20
N ASN A 142 3.86 17.97 -6.04
CA ASN A 142 5.21 17.41 -6.09
C ASN A 142 5.30 16.45 -7.28
N VAL A 143 6.36 16.59 -8.06
CA VAL A 143 6.55 15.73 -9.20
C VAL A 143 7.66 14.73 -8.91
N ALA A 144 7.29 13.51 -8.54
CA ALA A 144 8.27 12.48 -8.24
C ALA A 144 8.82 11.88 -9.54
N SER A 145 9.79 10.99 -9.42
CA SER A 145 10.35 10.35 -10.61
C SER A 145 10.80 8.94 -10.25
N ALA A 153 21.99 -1.32 -7.91
CA ALA A 153 22.73 -1.64 -6.69
C ALA A 153 23.26 -0.35 -6.06
N ASP A 154 22.35 0.57 -5.78
CA ASP A 154 22.67 1.85 -5.17
C ASP A 154 23.18 1.72 -3.74
N GLY A 155 22.87 0.59 -3.11
CA GLY A 155 23.26 0.41 -1.72
C GLY A 155 22.14 1.05 -0.92
N GLY A 156 21.05 1.37 -1.61
CA GLY A 156 19.89 1.97 -0.98
C GLY A 156 19.81 3.47 -1.07
N ILE A 157 20.80 4.12 -1.66
CA ILE A 157 20.80 5.58 -1.75
C ILE A 157 19.64 6.19 -2.55
N TYR A 158 19.30 5.63 -3.69
CA TYR A 158 18.19 6.17 -4.47
C TYR A 158 16.86 5.98 -3.73
N GLY A 159 16.53 4.72 -3.44
CA GLY A 159 15.28 4.43 -2.76
C GLY A 159 15.03 5.24 -1.49
N SER A 160 16.08 5.44 -0.71
CA SER A 160 15.97 6.19 0.54
C SER A 160 15.60 7.66 0.28
N THR A 161 16.26 8.28 -0.69
CA THR A 161 16.02 9.68 -1.02
C THR A 161 14.59 9.86 -1.57
N LYS A 162 14.14 8.89 -2.37
CA LYS A 162 12.81 8.92 -2.95
C LYS A 162 11.74 8.84 -1.85
N PHE A 163 11.86 7.87 -0.94
CA PHE A 163 10.87 7.75 0.12
C PHE A 163 10.88 8.94 1.06
N ALA A 164 12.08 9.45 1.37
CA ALA A 164 12.18 10.60 2.25
C ALA A 164 11.28 11.72 1.71
N LEU A 165 11.26 11.89 0.39
CA LEU A 165 10.42 12.92 -0.20
C LEU A 165 8.94 12.56 -0.03
N LEU A 166 8.60 11.30 -0.28
CA LEU A 166 7.22 10.85 -0.12
C LEU A 166 6.76 10.98 1.33
N GLY A 167 7.69 10.69 2.26
CA GLY A 167 7.37 10.78 3.66
C GLY A 167 7.06 12.21 4.05
N LEU A 168 7.79 13.14 3.44
CA LEU A 168 7.61 14.55 3.70
C LEU A 168 6.23 14.99 3.20
N ALA A 169 5.92 14.61 1.96
CA ALA A 169 4.63 14.94 1.34
C ALA A 169 3.47 14.38 2.15
N GLU A 170 3.55 13.11 2.50
CA GLU A 170 2.47 12.49 3.26
C GLU A 170 2.16 13.20 4.57
N SER A 171 3.19 13.62 5.30
CA SER A 171 2.91 14.31 6.56
C SER A 171 2.36 15.72 6.34
N LEU A 172 2.84 16.44 5.33
CA LEU A 172 2.29 17.78 5.09
C LEU A 172 0.85 17.66 4.58
N TYR A 173 0.55 16.54 3.93
CA TYR A 173 -0.81 16.31 3.43
C TYR A 173 -1.77 16.37 4.62
N ARG A 174 -1.48 15.58 5.64
CA ARG A 174 -2.31 15.54 6.84
C ARG A 174 -2.18 16.82 7.65
N GLU A 175 -0.95 17.29 7.80
CA GLU A 175 -0.69 18.52 8.55
C GLU A 175 -1.36 19.77 7.98
N LEU A 176 -1.29 19.94 6.66
CA LEU A 176 -1.84 21.13 6.01
C LEU A 176 -3.33 21.13 5.66
N ALA A 177 -3.90 19.95 5.44
CA ALA A 177 -5.31 19.84 5.08
C ALA A 177 -6.23 20.73 5.91
N PRO A 178 -6.17 20.64 7.24
CA PRO A 178 -7.03 21.45 8.10
C PRO A 178 -6.76 22.95 8.05
N LEU A 179 -5.67 23.34 7.37
CA LEU A 179 -5.34 24.75 7.25
C LEU A 179 -5.76 25.33 5.92
N GLY A 180 -6.49 24.55 5.15
CA GLY A 180 -6.95 25.01 3.85
C GLY A 180 -5.90 24.82 2.77
N ILE A 181 -4.84 24.10 3.08
CA ILE A 181 -3.77 23.87 2.13
C ILE A 181 -3.74 22.42 1.64
N ARG A 182 -3.77 22.23 0.32
CA ARG A 182 -3.75 20.89 -0.27
C ARG A 182 -2.43 20.47 -0.85
N VAL A 183 -2.19 19.16 -0.79
CA VAL A 183 -0.96 18.56 -1.27
C VAL A 183 -1.24 17.34 -2.14
N THR A 184 -0.57 17.28 -3.30
CA THR A 184 -0.74 16.15 -4.19
C THR A 184 0.61 15.82 -4.80
N THR A 185 0.97 14.55 -4.77
CA THR A 185 2.23 14.11 -5.35
C THR A 185 1.92 13.33 -6.62
N LEU A 186 2.54 13.74 -7.71
CA LEU A 186 2.34 13.05 -8.97
C LEU A 186 3.56 12.16 -9.16
N CYS A 187 3.33 10.90 -9.48
CA CYS A 187 4.42 9.94 -9.66
C CYS A 187 4.34 9.33 -11.05
N PRO A 188 5.02 9.93 -12.03
CA PRO A 188 4.99 9.40 -13.40
C PRO A 188 6.16 8.51 -13.70
N GLY A 189 5.99 7.67 -14.72
CA GLY A 189 7.08 6.83 -15.16
C GLY A 189 7.84 7.78 -16.07
N TRP A 190 8.43 7.30 -17.15
CA TRP A 190 9.15 8.18 -18.07
C TRP A 190 8.21 9.23 -18.67
N VAL A 191 8.66 10.48 -18.69
CA VAL A 191 7.86 11.56 -19.25
C VAL A 191 8.59 12.10 -20.48
N ASN A 192 7.82 12.41 -21.53
CA ASN A 192 8.38 12.89 -22.79
C ASN A 192 8.86 14.33 -22.84
N THR A 193 10.10 14.57 -22.44
CA THR A 193 10.67 15.91 -22.47
C THR A 193 12.13 15.80 -22.85
N ASP A 194 12.80 16.94 -22.92
CA ASP A 194 14.21 16.97 -23.27
C ASP A 194 15.06 16.27 -22.21
N MSE A 195 14.65 16.34 -20.95
CA MSE A 195 15.41 15.68 -19.90
C MSE A 195 15.38 14.16 -20.10
O MSE A 195 16.34 13.47 -19.78
CB MSE A 195 14.88 16.08 -18.52
CG MSE A 195 15.03 17.57 -18.20
SE MSE A 195 16.89 18.14 -18.23
CE MSE A 195 16.96 18.85 -20.03
N ALA A 196 14.28 13.63 -20.62
CA ALA A 196 14.20 12.19 -20.87
C ALA A 196 15.28 11.86 -21.92
N LYS A 197 15.41 12.72 -22.92
CA LYS A 197 16.43 12.52 -23.95
C LYS A 197 17.82 12.58 -23.30
N LYS A 198 18.01 13.55 -22.42
CA LYS A 198 19.28 13.69 -21.72
C LYS A 198 19.58 12.43 -20.89
N ALA A 199 18.54 11.76 -20.39
CA ALA A 199 18.74 10.54 -19.60
C ALA A 199 18.79 9.31 -20.50
N GLY A 200 18.80 9.55 -21.81
CA GLY A 200 18.88 8.47 -22.78
C GLY A 200 17.74 7.47 -22.75
N THR A 201 16.50 7.95 -22.71
CA THR A 201 15.34 7.07 -22.68
C THR A 201 15.34 6.12 -23.87
N PRO A 202 15.01 4.84 -23.64
CA PRO A 202 14.98 3.88 -24.75
C PRO A 202 13.63 3.87 -25.47
N PHE A 203 12.70 4.69 -24.98
CA PHE A 203 11.36 4.77 -25.55
C PHE A 203 11.13 5.86 -26.58
N LYS A 204 10.18 5.63 -27.47
CA LYS A 204 9.80 6.60 -28.49
C LYS A 204 9.08 7.69 -27.71
N ASP A 205 9.09 8.91 -28.25
CA ASP A 205 8.42 10.03 -27.57
C ASP A 205 6.98 9.72 -27.20
N GLU A 206 6.20 9.23 -28.17
CA GLU A 206 4.78 8.94 -27.93
C GLU A 206 4.54 7.77 -26.98
N GLU A 207 5.54 6.92 -26.79
CA GLU A 207 5.37 5.80 -25.90
C GLU A 207 5.34 6.23 -24.45
N MSE A 208 6.00 7.34 -24.17
CA MSE A 208 6.06 7.86 -22.81
C MSE A 208 4.85 8.70 -22.39
O MSE A 208 3.97 9.01 -23.19
CB MSE A 208 7.32 8.69 -22.62
CG MSE A 208 8.62 7.92 -22.84
SE MSE A 208 10.18 9.09 -22.70
CE MSE A 208 10.09 9.85 -24.47
N ILE A 209 4.85 9.05 -21.11
CA ILE A 209 3.82 9.91 -20.53
C ILE A 209 4.17 11.30 -21.07
N GLN A 210 3.18 12.04 -21.53
CA GLN A 210 3.47 13.37 -22.04
C GLN A 210 3.43 14.39 -20.89
N PRO A 211 4.20 15.48 -21.02
CA PRO A 211 4.27 16.55 -20.01
C PRO A 211 2.89 17.12 -19.76
N ASP A 212 2.15 17.33 -20.86
CA ASP A 212 0.81 17.87 -20.77
C ASP A 212 -0.12 17.07 -19.87
N ASP A 213 0.11 15.77 -19.76
CA ASP A 213 -0.73 14.96 -18.90
C ASP A 213 -0.57 15.40 -17.45
N LEU A 214 0.67 15.70 -17.04
CA LEU A 214 0.91 16.16 -15.66
C LEU A 214 0.27 17.54 -15.51
N LEU A 215 0.53 18.42 -16.48
CA LEU A 215 -0.03 19.77 -16.48
C LEU A 215 -1.56 19.73 -16.45
N ASN A 216 -2.15 18.94 -17.34
CA ASN A 216 -3.60 18.85 -17.38
C ASN A 216 -4.15 18.21 -16.11
N THR A 217 -3.41 17.30 -15.48
CA THR A 217 -3.90 16.70 -14.25
C THR A 217 -3.88 17.77 -13.13
N ILE A 218 -2.83 18.59 -13.13
CA ILE A 218 -2.71 19.66 -12.15
C ILE A 218 -3.89 20.63 -12.35
N ARG A 219 -4.22 20.90 -13.61
CA ARG A 219 -5.35 21.78 -13.92
C ARG A 219 -6.66 21.16 -13.38
N CYS A 220 -6.79 19.85 -13.52
CA CYS A 220 -7.99 19.18 -13.02
C CYS A 220 -8.08 19.29 -11.48
N LEU A 221 -6.97 19.08 -10.80
CA LEU A 221 -6.93 19.17 -9.34
C LEU A 221 -7.30 20.57 -8.85
N LEU A 222 -6.77 21.59 -9.52
CA LEU A 222 -7.03 22.97 -9.15
C LEU A 222 -8.51 23.34 -9.31
N ASN A 223 -9.26 22.59 -10.11
CA ASN A 223 -10.66 22.88 -10.33
C ASN A 223 -11.61 22.00 -9.51
N LEU A 224 -11.04 21.06 -8.75
CA LEU A 224 -11.87 20.21 -7.89
C LEU A 224 -12.48 21.07 -6.80
N SER A 225 -13.50 20.59 -6.10
CA SER A 225 -14.07 21.41 -5.04
C SER A 225 -13.03 21.53 -3.92
N GLU A 226 -13.03 22.68 -3.25
CA GLU A 226 -12.04 22.94 -2.19
C GLU A 226 -11.81 21.87 -1.13
N ASN A 227 -12.83 21.10 -0.80
CA ASN A 227 -12.66 20.08 0.21
C ASN A 227 -12.19 18.71 -0.28
N VAL A 228 -11.92 18.62 -1.57
CA VAL A 228 -11.46 17.36 -2.15
C VAL A 228 -9.96 17.23 -2.08
N CYS A 229 -9.51 16.19 -1.37
CA CYS A 229 -8.09 15.94 -1.22
C CYS A 229 -7.68 14.61 -1.88
N ILE A 230 -6.62 14.67 -2.67
CA ILE A 230 -6.08 13.52 -3.37
C ILE A 230 -4.60 13.57 -3.07
N LYS A 231 -4.14 12.65 -2.22
CA LYS A 231 -2.75 12.61 -1.81
C LYS A 231 -1.77 12.39 -2.97
N ASP A 232 -2.07 11.44 -3.85
CA ASP A 232 -1.17 11.16 -4.95
C ASP A 232 -1.82 10.47 -6.13
N ILE A 233 -1.20 10.64 -7.29
CA ILE A 233 -1.66 10.03 -8.51
C ILE A 233 -0.48 9.35 -9.20
N VAL A 234 -0.61 8.06 -9.47
CA VAL A 234 0.46 7.31 -10.13
C VAL A 234 0.19 7.14 -11.64
N PHE A 235 1.15 7.57 -12.45
CA PHE A 235 1.06 7.50 -13.91
C PHE A 235 1.96 6.39 -14.46
N GLU A 236 1.38 5.47 -15.21
CA GLU A 236 2.14 4.38 -15.80
C GLU A 236 2.05 4.41 -17.33
N MSE A 237 3.13 3.99 -17.98
CA MSE A 237 3.19 3.92 -19.43
C MSE A 237 2.61 2.57 -19.85
O MSE A 237 2.95 1.54 -19.27
CB MSE A 237 4.63 3.94 -19.91
CG MSE A 237 5.36 5.23 -19.79
SE MSE A 237 7.14 4.86 -20.45
CE MSE A 237 6.72 4.06 -22.15
N LYS A 238 1.76 2.56 -20.86
CA LYS A 238 1.19 1.31 -21.34
C LYS A 238 2.30 0.28 -21.57
N LYS A 239 3.36 0.70 -22.26
CA LYS A 239 4.49 -0.18 -22.56
C LYS A 239 5.07 -0.86 -21.32
N SER A 240 5.34 -0.07 -20.29
CA SER A 240 5.89 -0.59 -19.04
C SER A 240 5.03 -1.72 -18.51
N ILE A 241 3.72 -1.57 -18.63
CA ILE A 241 2.79 -2.61 -18.19
C ILE A 241 2.85 -3.76 -19.18
N ILE A 242 2.90 -3.42 -20.47
CA ILE A 242 2.96 -4.44 -21.51
C ILE A 242 4.22 -5.26 -21.35
N GLU A 243 5.24 -4.68 -20.73
CA GLU A 243 6.48 -5.38 -20.46
C GLU A 243 6.22 -6.11 -19.14
N GLN B 6 28.42 -23.33 12.93
CA GLN B 6 28.76 -22.56 14.15
C GLN B 6 28.23 -21.13 14.05
N LYS B 7 27.74 -20.60 15.17
CA LYS B 7 27.20 -19.25 15.20
C LYS B 7 28.26 -18.19 15.39
N GLY B 8 28.25 -17.19 14.50
CA GLY B 8 29.22 -16.12 14.56
C GLY B 8 28.73 -14.87 15.29
N LEU B 9 29.23 -13.72 14.85
CA LEU B 9 28.88 -12.43 15.44
C LEU B 9 27.46 -11.94 15.17
N ALA B 10 26.91 -11.21 16.13
CA ALA B 10 25.59 -10.62 16.04
C ALA B 10 25.79 -9.19 16.52
N ILE B 11 25.83 -8.25 15.57
CA ILE B 11 26.04 -6.85 15.88
C ILE B 11 24.73 -6.13 16.23
N ILE B 12 24.66 -5.52 17.41
CA ILE B 12 23.45 -4.82 17.83
C ILE B 12 23.64 -3.36 18.21
N THR B 13 22.97 -2.46 17.49
CA THR B 13 23.04 -1.03 17.80
C THR B 13 21.90 -0.74 18.78
N GLY B 14 22.11 0.26 19.63
CA GLY B 14 21.10 0.59 20.61
C GLY B 14 21.03 -0.58 21.59
N ALA B 15 22.18 -1.21 21.83
CA ALA B 15 22.26 -2.36 22.70
C ALA B 15 22.36 -2.08 24.21
N SER B 16 22.61 -0.82 24.59
CA SER B 16 22.73 -0.49 26.00
C SER B 16 21.41 -0.38 26.75
N GLN B 17 20.31 -0.24 26.02
CA GLN B 17 19.00 -0.10 26.65
C GLN B 17 17.84 -0.56 25.78
N GLY B 18 16.66 -0.56 26.39
CA GLY B 18 15.44 -0.94 25.70
C GLY B 18 15.46 -2.20 24.86
N ILE B 19 14.82 -2.10 23.71
CA ILE B 19 14.70 -3.23 22.79
C ILE B 19 16.02 -3.85 22.40
N GLY B 20 16.99 -3.01 22.02
CA GLY B 20 18.29 -3.53 21.64
C GLY B 20 18.87 -4.35 22.79
N ALA B 21 18.70 -3.84 24.00
CA ALA B 21 19.20 -4.54 25.17
C ALA B 21 18.60 -5.94 25.22
N VAL B 22 17.26 -6.02 25.25
CA VAL B 22 16.57 -7.30 25.32
C VAL B 22 16.90 -8.22 24.16
N ILE B 23 17.13 -7.66 22.97
CA ILE B 23 17.46 -8.49 21.82
C ILE B 23 18.88 -9.04 21.95
N ALA B 24 19.81 -8.19 22.38
CA ALA B 24 21.19 -8.60 22.55
C ALA B 24 21.34 -9.79 23.52
N ALA B 25 20.77 -9.65 24.71
CA ALA B 25 20.86 -10.73 25.70
C ALA B 25 20.19 -11.99 25.16
N GLY B 26 19.14 -11.79 24.38
CA GLY B 26 18.42 -12.92 23.80
C GLY B 26 19.27 -13.70 22.82
N LEU B 27 19.90 -12.99 21.89
CA LEU B 27 20.77 -13.63 20.91
C LEU B 27 22.02 -14.24 21.58
N ALA B 28 22.46 -13.61 22.68
CA ALA B 28 23.62 -14.13 23.40
C ALA B 28 23.23 -15.50 23.94
N THR B 29 22.13 -15.55 24.68
CA THR B 29 21.62 -16.80 25.21
C THR B 29 21.47 -17.85 24.09
N ASP B 30 21.11 -17.39 22.90
CA ASP B 30 20.92 -18.30 21.77
C ASP B 30 22.20 -18.87 21.21
N GLY B 31 23.34 -18.22 21.45
CA GLY B 31 24.60 -18.76 20.96
C GLY B 31 25.54 -17.84 20.20
N TYR B 32 25.05 -16.69 19.76
CA TYR B 32 25.88 -15.73 19.03
C TYR B 32 26.80 -14.95 19.95
N ARG B 33 27.93 -14.49 19.40
CA ARG B 33 28.85 -13.64 20.14
C ARG B 33 28.34 -12.27 19.74
N VAL B 34 27.67 -11.58 20.66
CA VAL B 34 27.12 -10.28 20.34
C VAL B 34 28.00 -9.07 20.60
N VAL B 35 27.97 -8.14 19.66
CA VAL B 35 28.72 -6.89 19.75
C VAL B 35 27.70 -5.85 20.23
N LEU B 36 27.98 -5.24 21.37
CA LEU B 36 27.08 -4.24 21.95
C LEU B 36 27.54 -2.84 21.55
N ILE B 37 26.76 -2.17 20.72
CA ILE B 37 27.10 -0.81 20.28
C ILE B 37 26.15 0.26 20.83
N ALA B 38 26.76 1.34 21.33
CA ALA B 38 26.04 2.46 21.90
C ALA B 38 27.12 3.40 22.41
N ARG B 39 26.73 4.55 22.94
CA ARG B 39 27.71 5.51 23.45
C ARG B 39 28.20 5.24 24.86
N SER B 40 27.29 5.06 25.80
CA SER B 40 27.64 4.82 27.19
C SER B 40 28.39 3.53 27.43
N LYS B 41 29.69 3.63 27.70
CA LYS B 41 30.50 2.45 27.96
C LYS B 41 29.98 1.67 29.17
N GLN B 42 29.75 2.37 30.27
CA GLN B 42 29.28 1.75 31.49
C GLN B 42 27.98 0.97 31.28
N ASN B 43 27.04 1.56 30.55
CA ASN B 43 25.78 0.89 30.31
C ASN B 43 25.96 -0.35 29.44
N LEU B 44 26.84 -0.28 28.45
CA LEU B 44 27.11 -1.45 27.61
C LEU B 44 27.65 -2.53 28.55
N GLU B 45 28.46 -2.10 29.51
CA GLU B 45 29.06 -3.00 30.49
C GLU B 45 27.96 -3.75 31.25
N LYS B 46 26.97 -3.01 31.72
CA LYS B 46 25.85 -3.60 32.44
C LYS B 46 25.32 -4.80 31.68
N VAL B 47 24.85 -4.54 30.46
CA VAL B 47 24.31 -5.58 29.59
C VAL B 47 25.28 -6.74 29.48
N HIS B 48 26.56 -6.39 29.35
CA HIS B 48 27.63 -7.37 29.24
C HIS B 48 27.65 -8.31 30.44
N ASP B 49 27.67 -7.73 31.64
CA ASP B 49 27.72 -8.52 32.87
C ASP B 49 26.44 -9.28 33.16
N GLU B 50 25.29 -8.67 32.85
CA GLU B 50 24.02 -9.35 33.07
C GLU B 50 24.04 -10.62 32.24
N ILE B 51 24.30 -10.45 30.94
CA ILE B 51 24.38 -11.57 30.03
C ILE B 51 25.32 -12.62 30.61
N MSE B 52 26.46 -12.17 31.10
CA MSE B 52 27.46 -13.06 31.68
C MSE B 52 26.92 -13.85 32.85
O MSE B 52 26.95 -15.07 32.85
CB MSE B 52 28.70 -12.27 32.12
CG MSE B 52 29.53 -11.76 30.96
SE MSE B 52 30.25 -13.24 29.95
CE MSE B 52 32.08 -13.17 30.63
N ARG B 53 26.37 -13.16 33.86
CA ARG B 53 25.83 -13.85 35.02
C ARG B 53 24.50 -14.56 34.77
N SER B 54 23.76 -14.13 33.75
CA SER B 54 22.46 -14.72 33.42
C SER B 54 22.49 -16.06 32.71
N ASN B 55 23.64 -16.43 32.15
CA ASN B 55 23.77 -17.69 31.44
C ASN B 55 24.93 -18.50 32.00
N LYS B 56 24.73 -19.81 32.13
CA LYS B 56 25.78 -20.68 32.64
C LYS B 56 26.96 -20.56 31.70
N HIS B 57 26.67 -20.72 30.41
CA HIS B 57 27.68 -20.62 29.36
C HIS B 57 27.14 -19.72 28.26
N VAL B 58 28.02 -18.86 27.74
CA VAL B 58 27.65 -17.94 26.67
C VAL B 58 28.90 -17.34 26.09
N GLN B 59 28.92 -17.09 24.79
CA GLN B 59 30.08 -16.46 24.20
C GLN B 59 30.08 -15.08 24.87
N GLU B 60 31.25 -14.60 25.26
CA GLU B 60 31.31 -13.31 25.93
C GLU B 60 31.04 -12.13 25.01
N PRO B 61 30.03 -11.31 25.36
CA PRO B 61 29.69 -10.15 24.55
C PRO B 61 30.80 -9.09 24.45
N ILE B 62 31.02 -8.61 23.24
CA ILE B 62 32.02 -7.60 22.97
C ILE B 62 31.38 -6.24 23.19
N VAL B 63 31.94 -5.44 24.09
CA VAL B 63 31.41 -4.11 24.36
C VAL B 63 32.12 -3.13 23.43
N LEU B 64 31.33 -2.42 22.64
CA LEU B 64 31.89 -1.46 21.68
C LEU B 64 31.32 -0.07 21.88
N PRO B 65 31.96 0.74 22.75
CA PRO B 65 31.50 2.10 23.00
C PRO B 65 31.71 2.88 21.69
N LEU B 66 30.63 3.16 20.99
CA LEU B 66 30.74 3.85 19.71
C LEU B 66 29.54 4.67 19.29
N ASP B 67 29.80 5.91 18.93
CA ASP B 67 28.77 6.81 18.45
C ASP B 67 28.75 6.62 16.93
N ILE B 68 27.85 5.76 16.44
CA ILE B 68 27.77 5.48 15.01
C ILE B 68 27.70 6.71 14.12
N THR B 69 27.46 7.87 14.73
CA THR B 69 27.41 9.12 14.00
C THR B 69 28.77 9.37 13.35
N ASP B 70 29.82 8.88 14.02
CA ASP B 70 31.18 9.01 13.51
C ASP B 70 31.39 7.83 12.56
N CYS B 71 30.88 7.96 11.34
CA CYS B 71 30.95 6.93 10.33
C CYS B 71 32.29 6.22 10.14
N THR B 72 33.32 6.98 9.80
CA THR B 72 34.65 6.40 9.59
C THR B 72 35.14 5.55 10.75
N LYS B 73 34.96 6.05 11.97
CA LYS B 73 35.39 5.31 13.16
C LYS B 73 34.57 4.03 13.31
N ALA B 74 33.28 4.14 13.05
CA ALA B 74 32.37 3.00 13.14
C ALA B 74 32.80 1.90 12.18
N ASP B 75 33.07 2.28 10.94
CA ASP B 75 33.49 1.32 9.94
C ASP B 75 34.79 0.64 10.35
N THR B 76 35.71 1.42 10.90
CA THR B 76 36.99 0.89 11.35
C THR B 76 36.78 -0.11 12.50
N GLU B 77 36.07 0.33 13.53
CA GLU B 77 35.81 -0.52 14.68
C GLU B 77 35.15 -1.84 14.30
N ILE B 78 34.22 -1.80 13.35
CA ILE B 78 33.52 -3.01 12.94
C ILE B 78 34.42 -3.95 12.14
N LYS B 79 35.37 -3.37 11.42
CA LYS B 79 36.30 -4.17 10.62
C LYS B 79 37.29 -4.92 11.51
N ASP B 80 37.69 -4.29 12.62
CA ASP B 80 38.63 -4.94 13.54
C ASP B 80 37.97 -6.16 14.15
N ILE B 81 36.77 -5.96 14.70
CA ILE B 81 36.01 -7.04 15.32
C ILE B 81 35.81 -8.17 14.32
N HIS B 82 35.64 -7.80 13.05
CA HIS B 82 35.45 -8.79 12.01
C HIS B 82 36.76 -9.52 11.74
N GLN B 83 37.84 -8.75 11.72
CA GLN B 83 39.16 -9.29 11.49
C GLN B 83 39.48 -10.25 12.63
N LYS B 84 39.37 -9.73 13.86
CA LYS B 84 39.67 -10.49 15.06
C LYS B 84 38.73 -11.63 15.39
N TYR B 85 37.42 -11.46 15.16
CA TYR B 85 36.47 -12.50 15.52
C TYR B 85 35.82 -13.30 14.41
N GLY B 86 35.95 -12.86 13.17
CA GLY B 86 35.37 -13.62 12.08
C GLY B 86 34.04 -13.18 11.47
N ALA B 87 33.27 -14.18 11.05
CA ALA B 87 31.97 -13.98 10.39
C ALA B 87 30.91 -13.19 11.14
N VAL B 88 30.11 -12.44 10.37
CA VAL B 88 29.02 -11.65 10.91
C VAL B 88 27.72 -12.30 10.44
N ASP B 89 26.97 -12.91 11.36
CA ASP B 89 25.74 -13.59 10.99
C ASP B 89 24.54 -12.66 11.02
N ILE B 90 24.50 -11.81 12.04
CA ILE B 90 23.38 -10.90 12.23
C ILE B 90 23.80 -9.45 12.43
N LEU B 91 22.86 -8.56 12.12
CA LEU B 91 23.03 -7.12 12.33
C LEU B 91 21.62 -6.69 12.70
N VAL B 92 21.47 -6.19 13.92
CA VAL B 92 20.17 -5.72 14.39
C VAL B 92 20.29 -4.24 14.65
N ASN B 93 19.56 -3.44 13.87
CA ASN B 93 19.58 -2.00 14.06
C ASN B 93 18.41 -1.71 15.00
N ALA B 94 18.71 -1.53 16.28
CA ALA B 94 17.70 -1.27 17.29
C ALA B 94 17.89 0.11 17.90
N ALA B 95 18.85 0.86 17.37
CA ALA B 95 19.11 2.20 17.85
C ALA B 95 17.81 2.99 17.81
N ALA B 96 17.62 3.87 18.78
CA ALA B 96 16.41 4.68 18.83
C ALA B 96 16.40 5.79 17.78
N MSE B 97 15.22 6.31 17.53
CA MSE B 97 15.00 7.38 16.57
C MSE B 97 15.34 8.73 17.20
O MSE B 97 14.58 9.25 18.00
CB MSE B 97 13.52 7.37 16.16
CG MSE B 97 13.15 8.41 15.13
SE MSE B 97 13.77 7.90 13.37
CE MSE B 97 12.11 7.18 12.64
N PHE B 98 16.48 9.31 16.83
CA PHE B 98 16.85 10.62 17.38
C PHE B 98 15.95 11.67 16.75
N MSE B 99 15.20 12.39 17.57
CA MSE B 99 14.28 13.41 17.04
C MSE B 99 14.53 14.79 17.63
O MSE B 99 15.39 14.99 18.50
CB MSE B 99 12.85 12.97 17.30
CG MSE B 99 11.85 13.39 16.23
SE MSE B 99 12.41 12.89 14.44
CE MSE B 99 12.37 14.66 13.66
N GLU B 105 17.61 27.20 13.38
CA GLU B 105 16.87 27.10 12.12
C GLU B 105 16.39 25.66 11.95
N PRO B 106 15.07 25.47 11.76
CA PRO B 106 14.53 24.11 11.59
C PRO B 106 15.24 23.36 10.47
N VAL B 107 15.69 24.08 9.45
CA VAL B 107 16.38 23.45 8.32
C VAL B 107 17.63 22.71 8.76
N ASP B 108 18.51 23.39 9.49
CA ASP B 108 19.74 22.76 9.94
C ASP B 108 19.41 21.62 10.90
N ASN B 109 18.33 21.78 11.66
CA ASN B 109 17.93 20.75 12.61
C ASN B 109 17.49 19.49 11.87
N PHE B 110 16.79 19.67 10.75
CA PHE B 110 16.32 18.56 9.93
C PHE B 110 17.55 17.87 9.36
N ARG B 111 18.53 18.67 8.94
CA ARG B 111 19.75 18.15 8.36
C ARG B 111 20.46 17.25 9.37
N LYS B 112 20.42 17.66 10.63
CA LYS B 112 21.06 16.90 11.69
C LYS B 112 20.31 15.60 11.97
N ILE B 113 18.98 15.68 12.01
CA ILE B 113 18.17 14.50 12.26
C ILE B 113 18.39 13.44 11.19
N MSE B 114 18.61 13.87 9.95
CA MSE B 114 18.86 12.95 8.83
C MSE B 114 20.23 12.31 8.97
O MSE B 114 20.40 11.11 8.74
CB MSE B 114 18.82 13.72 7.50
CG MSE B 114 17.44 13.83 6.89
SE MSE B 114 16.80 12.09 6.34
CE MSE B 114 14.90 12.51 6.26
N GLU B 115 21.22 13.11 9.34
CA GLU B 115 22.58 12.65 9.54
C GLU B 115 22.61 11.56 10.59
N ILE B 116 22.11 11.88 11.78
CA ILE B 116 22.07 10.94 12.89
C ILE B 116 21.27 9.66 12.65
N ASN B 117 20.09 9.81 12.06
CA ASN B 117 19.21 8.67 11.83
C ASN B 117 19.34 7.88 10.54
N VAL B 118 19.59 8.56 9.43
CA VAL B 118 19.68 7.87 8.14
C VAL B 118 21.10 7.76 7.59
N ILE B 119 21.84 8.85 7.60
CA ILE B 119 23.22 8.84 7.10
C ILE B 119 24.07 7.89 7.93
N ALA B 120 23.88 7.94 9.23
CA ALA B 120 24.63 7.09 10.14
C ALA B 120 24.30 5.62 9.91
N GLN B 121 23.01 5.29 9.84
CA GLN B 121 22.60 3.91 9.63
C GLN B 121 23.11 3.40 8.30
N TYR B 122 23.03 4.23 7.26
CA TYR B 122 23.53 3.84 5.96
C TYR B 122 24.99 3.42 6.11
N GLY B 123 25.75 4.20 6.87
CA GLY B 123 27.15 3.91 7.10
C GLY B 123 27.36 2.54 7.73
N ILE B 124 26.57 2.22 8.75
CA ILE B 124 26.67 0.92 9.40
C ILE B 124 26.36 -0.19 8.39
N LEU B 125 25.25 -0.05 7.68
CA LEU B 125 24.81 -1.03 6.70
C LEU B 125 25.85 -1.27 5.61
N LYS B 126 26.50 -0.19 5.20
CA LYS B 126 27.53 -0.24 4.19
C LYS B 126 28.63 -1.19 4.66
N THR B 127 29.16 -0.91 5.85
CA THR B 127 30.22 -1.75 6.42
C THR B 127 29.80 -3.20 6.55
N VAL B 128 28.69 -3.45 7.25
CA VAL B 128 28.20 -4.81 7.45
C VAL B 128 27.83 -5.51 6.14
N THR B 129 27.20 -4.77 5.23
CA THR B 129 26.83 -5.35 3.95
C THR B 129 28.06 -5.84 3.19
N GLU B 130 29.11 -5.04 3.18
CA GLU B 130 30.34 -5.43 2.50
C GLU B 130 30.79 -6.80 2.99
N ILE B 131 30.80 -6.99 4.31
CA ILE B 131 31.22 -8.26 4.90
C ILE B 131 30.32 -9.42 4.50
N MSE B 132 29.01 -9.27 4.72
CA MSE B 132 28.06 -10.32 4.37
C MSE B 132 28.10 -10.67 2.87
O MSE B 132 27.79 -11.80 2.49
CB MSE B 132 26.64 -9.91 4.76
CG MSE B 132 26.41 -9.85 6.26
SE MSE B 132 24.66 -9.15 6.70
CE MSE B 132 24.77 -9.25 8.64
N LYS B 133 28.48 -9.69 2.06
CA LYS B 133 28.60 -9.88 0.61
C LYS B 133 29.54 -11.03 0.32
N VAL B 134 30.73 -10.97 0.92
CA VAL B 134 31.77 -11.97 0.77
C VAL B 134 31.34 -13.32 1.32
N GLN B 135 30.69 -13.31 2.48
CA GLN B 135 30.23 -14.53 3.10
C GLN B 135 29.10 -15.17 2.31
N LYS B 136 28.37 -14.35 1.55
CA LYS B 136 27.24 -14.83 0.75
C LYS B 136 26.18 -15.33 1.72
N ASN B 137 26.16 -14.73 2.91
CA ASN B 137 25.22 -15.14 3.94
C ASN B 137 25.05 -14.01 4.96
N GLY B 138 23.93 -14.01 5.67
CA GLY B 138 23.69 -12.98 6.67
C GLY B 138 22.26 -12.51 6.77
N TYR B 139 21.92 -11.96 7.93
CA TYR B 139 20.56 -11.46 8.15
C TYR B 139 20.57 -10.08 8.84
N ILE B 140 19.87 -9.12 8.26
CA ILE B 140 19.78 -7.78 8.81
C ILE B 140 18.35 -7.52 9.31
N PHE B 141 18.24 -7.10 10.56
CA PHE B 141 16.96 -6.81 11.18
C PHE B 141 16.85 -5.34 11.54
N ASN B 142 15.80 -4.69 11.06
CA ASN B 142 15.56 -3.27 11.33
C ASN B 142 14.41 -3.14 12.32
N VAL B 143 14.55 -2.25 13.29
CA VAL B 143 13.48 -2.01 14.24
C VAL B 143 13.06 -0.56 14.05
N ALA B 144 11.84 -0.37 13.56
CA ALA B 144 11.31 0.97 13.32
C ALA B 144 10.48 1.40 14.52
N ALA B 153 2.50 19.15 13.28
CA ALA B 153 3.12 20.46 13.20
C ALA B 153 4.63 20.28 13.24
N ASP B 154 5.09 19.20 12.64
CA ASP B 154 6.50 18.86 12.61
C ASP B 154 7.16 19.38 11.33
N GLY B 155 6.35 19.60 10.30
CA GLY B 155 6.89 20.09 9.03
C GLY B 155 7.33 18.94 8.16
N GLY B 156 7.08 17.72 8.65
CA GLY B 156 7.45 16.52 7.92
C GLY B 156 8.81 15.93 8.21
N ILE B 157 9.46 16.38 9.29
CA ILE B 157 10.78 15.85 9.61
C ILE B 157 10.75 14.38 10.02
N TYR B 158 9.97 14.05 11.04
CA TYR B 158 9.88 12.67 11.50
C TYR B 158 9.37 11.75 10.40
N GLY B 159 8.35 12.19 9.69
CA GLY B 159 7.79 11.39 8.61
C GLY B 159 8.81 11.11 7.53
N SER B 160 9.56 12.14 7.16
CA SER B 160 10.58 12.02 6.13
C SER B 160 11.65 11.02 6.57
N THR B 161 12.22 11.24 7.75
CA THR B 161 13.25 10.35 8.28
C THR B 161 12.79 8.89 8.29
N LYS B 162 11.60 8.65 8.85
CA LYS B 162 11.06 7.32 8.94
C LYS B 162 10.96 6.64 7.58
N PHE B 163 10.45 7.37 6.60
CA PHE B 163 10.31 6.83 5.26
C PHE B 163 11.67 6.60 4.62
N ALA B 164 12.61 7.50 4.89
CA ALA B 164 13.96 7.37 4.34
C ALA B 164 14.53 6.02 4.76
N LEU B 165 14.41 5.71 6.04
CA LEU B 165 14.90 4.44 6.57
C LEU B 165 14.20 3.26 5.89
N LEU B 166 12.91 3.40 5.65
CA LEU B 166 12.13 2.35 5.00
C LEU B 166 12.54 2.15 3.54
N GLY B 167 12.75 3.25 2.83
CA GLY B 167 13.15 3.17 1.43
C GLY B 167 14.49 2.47 1.33
N LEU B 168 15.35 2.69 2.33
CA LEU B 168 16.67 2.09 2.38
C LEU B 168 16.55 0.59 2.58
N ALA B 169 15.76 0.20 3.57
CA ALA B 169 15.54 -1.21 3.88
C ALA B 169 14.88 -1.93 2.72
N GLU B 170 13.95 -1.26 2.05
CA GLU B 170 13.26 -1.87 0.93
C GLU B 170 14.23 -2.05 -0.22
N SER B 171 15.06 -1.04 -0.42
CA SER B 171 16.06 -1.06 -1.47
C SER B 171 17.02 -2.23 -1.26
N LEU B 172 17.55 -2.36 -0.05
CA LEU B 172 18.49 -3.43 0.26
C LEU B 172 17.84 -4.81 0.26
N TYR B 173 16.57 -4.86 0.66
CA TYR B 173 15.82 -6.10 0.69
C TYR B 173 15.97 -6.90 -0.62
N ARG B 174 15.66 -6.28 -1.74
CA ARG B 174 15.76 -6.97 -3.02
C ARG B 174 17.13 -6.91 -3.66
N GLU B 175 18.00 -6.05 -3.13
CA GLU B 175 19.35 -5.94 -3.65
C GLU B 175 20.25 -7.05 -3.07
N LEU B 176 19.99 -7.40 -1.81
CA LEU B 176 20.76 -8.41 -1.10
C LEU B 176 20.16 -9.81 -1.16
N ALA B 177 18.88 -9.92 -1.49
CA ALA B 177 18.25 -11.23 -1.55
C ALA B 177 19.03 -12.21 -2.44
N PRO B 178 19.33 -11.83 -3.68
CA PRO B 178 20.08 -12.70 -4.59
C PRO B 178 21.52 -12.99 -4.16
N LEU B 179 21.96 -12.33 -3.10
CA LEU B 179 23.32 -12.52 -2.59
C LEU B 179 23.34 -13.43 -1.37
N GLY B 180 22.18 -13.97 -1.01
CA GLY B 180 22.10 -14.86 0.14
C GLY B 180 22.03 -14.10 1.46
N ILE B 181 21.66 -12.82 1.39
CA ILE B 181 21.55 -11.98 2.58
C ILE B 181 20.10 -11.52 2.73
N ARG B 182 19.51 -11.79 3.88
CA ARG B 182 18.12 -11.40 4.11
C ARG B 182 17.96 -10.13 4.93
N VAL B 183 16.82 -9.50 4.74
CA VAL B 183 16.48 -8.27 5.45
C VAL B 183 15.01 -8.32 5.83
N THR B 184 14.70 -7.86 7.05
CA THR B 184 13.33 -7.82 7.54
C THR B 184 13.21 -6.62 8.46
N THR B 185 12.16 -5.84 8.26
CA THR B 185 11.93 -4.67 9.10
C THR B 185 10.79 -4.97 10.06
N LEU B 186 11.06 -4.82 11.35
CA LEU B 186 10.03 -5.07 12.36
C LEU B 186 9.43 -3.72 12.75
N CYS B 187 8.15 -3.52 12.41
CA CYS B 187 7.47 -2.27 12.73
C CYS B 187 6.48 -2.45 13.87
N PRO B 188 6.93 -2.20 15.10
CA PRO B 188 6.03 -2.36 16.24
C PRO B 188 5.31 -1.08 16.62
N GLY B 189 4.33 -1.21 17.51
CA GLY B 189 3.62 -0.06 18.00
C GLY B 189 4.32 0.23 19.31
N TRP B 190 3.58 0.61 20.34
CA TRP B 190 4.21 0.87 21.63
C TRP B 190 4.72 -0.43 22.22
N VAL B 191 6.00 -0.45 22.59
CA VAL B 191 6.61 -1.62 23.19
C VAL B 191 6.94 -1.23 24.64
N ASN B 192 6.73 -2.15 25.58
CA ASN B 192 7.01 -1.85 26.99
C ASN B 192 8.49 -1.98 27.37
N THR B 193 9.24 -0.90 27.14
CA THR B 193 10.66 -0.80 27.48
C THR B 193 10.67 0.45 28.34
N ASP B 194 11.65 0.61 29.24
CA ASP B 194 11.61 1.81 30.06
C ASP B 194 11.90 3.10 29.28
N MSE B 195 12.25 2.96 27.99
CA MSE B 195 12.49 4.14 27.14
C MSE B 195 11.15 4.86 27.09
O MSE B 195 10.84 5.57 26.14
CB MSE B 195 12.90 3.71 25.72
CG MSE B 195 12.72 4.79 24.65
SE MSE B 195 13.39 4.33 22.89
CE MSE B 195 15.14 5.15 23.07
N ALA B 196 10.35 4.64 28.13
CA ALA B 196 9.02 5.23 28.24
C ALA B 196 9.02 6.67 28.70
N LYS B 197 9.72 7.54 27.96
CA LYS B 197 9.70 8.95 28.30
C LYS B 197 8.19 9.18 28.20
N LYS B 198 7.70 9.21 26.96
CA LYS B 198 6.28 9.37 26.71
C LYS B 198 5.64 7.98 26.76
N PHE B 203 1.80 6.16 27.27
CA PHE B 203 0.39 6.43 27.54
C PHE B 203 -0.41 5.16 27.79
N LYS B 204 0.16 4.00 27.42
CA LYS B 204 -0.51 2.71 27.60
C LYS B 204 -0.02 1.99 28.87
N ASP B 205 -0.81 1.03 29.34
CA ASP B 205 -0.51 0.30 30.58
C ASP B 205 0.31 -0.98 30.51
N GLU B 206 1.62 -0.84 30.32
CA GLU B 206 2.54 -1.97 30.28
C GLU B 206 2.05 -3.18 29.46
N GLU B 207 0.92 -3.01 28.78
CA GLU B 207 0.37 -4.06 27.93
C GLU B 207 0.48 -3.57 26.49
N MSE B 208 1.71 -3.21 26.14
CA MSE B 208 2.03 -2.76 24.81
C MSE B 208 2.71 -3.99 24.24
O MSE B 208 2.51 -5.09 24.75
CB MSE B 208 3.00 -1.59 24.90
CG MSE B 208 2.48 -0.46 25.77
SE MSE B 208 3.84 0.86 26.14
CE MSE B 208 4.28 0.30 27.95
N ILE B 209 3.49 -3.80 23.19
CA ILE B 209 4.21 -4.91 22.61
C ILE B 209 5.36 -5.18 23.55
N GLN B 210 5.60 -6.44 23.91
CA GLN B 210 6.70 -6.75 24.80
C GLN B 210 7.97 -6.91 23.95
N PRO B 211 9.12 -6.46 24.47
CA PRO B 211 10.34 -6.60 23.69
C PRO B 211 10.60 -8.07 23.32
N ASP B 212 10.12 -8.98 24.16
CA ASP B 212 10.29 -10.40 23.93
C ASP B 212 9.57 -10.84 22.65
N ASP B 213 8.50 -10.14 22.30
CA ASP B 213 7.76 -10.47 21.09
C ASP B 213 8.64 -10.24 19.87
N LEU B 214 9.34 -9.10 19.85
CA LEU B 214 10.24 -8.80 18.76
C LEU B 214 11.40 -9.79 18.75
N LEU B 215 11.94 -10.08 19.94
CA LEU B 215 13.06 -11.02 20.07
C LEU B 215 12.67 -12.37 19.54
N ASN B 216 11.51 -12.87 19.97
CA ASN B 216 11.04 -14.17 19.53
C ASN B 216 10.68 -14.20 18.05
N THR B 217 10.26 -13.07 17.52
CA THR B 217 9.92 -13.02 16.11
C THR B 217 11.23 -13.21 15.33
N ILE B 218 12.27 -12.48 15.73
CA ILE B 218 13.57 -12.59 15.10
C ILE B 218 14.05 -14.05 15.23
N ARG B 219 13.75 -14.66 16.37
CA ARG B 219 14.12 -16.06 16.61
C ARG B 219 13.52 -16.91 15.49
N CYS B 220 12.23 -16.72 15.25
CA CYS B 220 11.50 -17.46 14.23
C CYS B 220 12.06 -17.24 12.83
N LEU B 221 12.31 -15.98 12.48
CA LEU B 221 12.83 -15.63 11.17
C LEU B 221 14.19 -16.29 10.92
N LEU B 222 15.05 -16.33 11.93
CA LEU B 222 16.36 -16.96 11.83
C LEU B 222 16.25 -18.46 11.55
N ASN B 223 15.18 -19.09 12.00
CA ASN B 223 14.98 -20.53 11.83
C ASN B 223 14.21 -20.97 10.58
N LEU B 224 13.67 -20.01 9.83
CA LEU B 224 12.94 -20.34 8.60
C LEU B 224 13.91 -20.84 7.56
N SER B 225 13.39 -21.46 6.50
CA SER B 225 14.23 -21.96 5.42
C SER B 225 15.06 -20.80 4.91
N GLU B 226 16.28 -21.08 4.49
CA GLU B 226 17.13 -20.00 4.00
C GLU B 226 16.64 -19.30 2.73
N ASN B 227 15.65 -19.89 2.05
CA ASN B 227 15.13 -19.27 0.83
C ASN B 227 13.87 -18.43 1.04
N VAL B 228 13.33 -18.44 2.25
CA VAL B 228 12.14 -17.66 2.55
C VAL B 228 12.52 -16.23 2.91
N CYS B 229 11.80 -15.27 2.35
CA CYS B 229 12.07 -13.86 2.58
C CYS B 229 10.84 -13.09 3.07
N ILE B 230 10.99 -12.39 4.18
CA ILE B 230 9.90 -11.60 4.76
C ILE B 230 10.42 -10.17 4.88
N LYS B 231 9.88 -9.28 4.07
CA LYS B 231 10.28 -7.88 4.02
C LYS B 231 9.99 -7.08 5.29
N ASP B 232 8.85 -7.34 5.91
CA ASP B 232 8.48 -6.62 7.12
C ASP B 232 7.33 -7.27 7.86
N ILE B 233 7.20 -6.93 9.13
CA ILE B 233 6.13 -7.43 9.97
C ILE B 233 5.60 -6.32 10.86
N VAL B 234 4.31 -6.02 10.73
CA VAL B 234 3.69 -4.95 11.50
C VAL B 234 2.98 -5.48 12.74
N PHE B 235 3.48 -5.08 13.91
CA PHE B 235 2.90 -5.49 15.18
C PHE B 235 1.94 -4.40 15.65
N GLU B 236 0.74 -4.80 16.07
CA GLU B 236 -0.26 -3.86 16.55
C GLU B 236 -0.76 -4.24 17.93
N MSE B 237 -1.30 -3.26 18.65
CA MSE B 237 -1.84 -3.48 19.99
C MSE B 237 -3.32 -3.75 19.87
O MSE B 237 -4.05 -2.98 19.25
CB MSE B 237 -1.63 -2.25 20.87
CG MSE B 237 -0.20 -1.89 21.20
SE MSE B 237 -0.17 -0.30 22.34
CE MSE B 237 -0.85 -1.11 23.98
N LYS B 238 -3.78 -4.83 20.49
CA LYS B 238 -5.20 -5.15 20.47
C LYS B 238 -5.97 -3.89 20.90
N LYS B 239 -5.29 -3.06 21.69
CA LYS B 239 -5.82 -1.81 22.21
C LYS B 239 -5.89 -0.72 21.14
N SER B 240 -4.81 -0.56 20.40
CA SER B 240 -4.72 0.45 19.36
C SER B 240 -5.83 0.29 18.34
N ILE B 241 -6.27 -0.96 18.15
CA ILE B 241 -7.38 -1.23 17.25
C ILE B 241 -8.53 -1.10 18.24
N ILE B 242 -8.74 0.15 18.66
CA ILE B 242 -9.76 0.58 19.64
C ILE B 242 -10.63 -0.50 20.32
N GLN C 6 -14.26 10.58 -33.53
CA GLN C 6 -15.74 10.73 -33.31
C GLN C 6 -16.18 9.99 -32.05
N LYS C 7 -16.93 10.69 -31.21
CA LYS C 7 -17.42 10.11 -29.96
C LYS C 7 -18.50 9.06 -30.13
N GLY C 8 -18.24 7.88 -29.60
CA GLY C 8 -19.19 6.79 -29.68
C GLY C 8 -20.06 6.64 -28.44
N LEU C 9 -20.33 5.39 -28.09
CA LEU C 9 -21.18 5.05 -26.95
C LEU C 9 -20.49 5.09 -25.59
N ALA C 10 -21.21 5.54 -24.57
CA ALA C 10 -20.73 5.58 -23.19
C ALA C 10 -21.84 4.94 -22.36
N ILE C 11 -21.59 3.72 -21.90
CA ILE C 11 -22.55 2.96 -21.12
C ILE C 11 -22.36 3.26 -19.64
N ILE C 12 -23.44 3.69 -18.98
CA ILE C 12 -23.39 4.02 -17.56
C ILE C 12 -24.40 3.19 -16.78
N THR C 13 -23.92 2.43 -15.79
CA THR C 13 -24.80 1.63 -14.95
C THR C 13 -25.16 2.50 -13.73
N GLY C 14 -26.34 2.26 -13.15
CA GLY C 14 -26.77 3.07 -12.02
C GLY C 14 -26.99 4.48 -12.56
N ALA C 15 -27.44 4.56 -13.81
CA ALA C 15 -27.62 5.86 -14.46
C ALA C 15 -28.88 6.62 -14.11
N SER C 16 -29.81 5.97 -13.41
CA SER C 16 -31.08 6.63 -13.06
C SER C 16 -31.01 7.53 -11.83
N GLN C 17 -29.95 7.39 -11.02
CA GLN C 17 -29.79 8.16 -9.80
C GLN C 17 -28.34 8.53 -9.47
N GLY C 18 -28.21 9.29 -8.38
CA GLY C 18 -26.93 9.72 -7.87
C GLY C 18 -25.78 10.01 -8.82
N ILE C 19 -24.62 9.44 -8.51
CA ILE C 19 -23.39 9.65 -9.29
C ILE C 19 -23.54 9.29 -10.75
N GLY C 20 -24.21 8.16 -11.00
CA GLY C 20 -24.42 7.69 -12.35
C GLY C 20 -25.15 8.68 -13.22
N ALA C 21 -26.24 9.22 -12.69
CA ALA C 21 -27.04 10.20 -13.43
C ALA C 21 -26.22 11.45 -13.76
N VAL C 22 -25.33 11.83 -12.85
CA VAL C 22 -24.48 13.01 -13.03
C VAL C 22 -23.46 12.79 -14.14
N ILE C 23 -22.69 11.71 -14.04
CA ILE C 23 -21.69 11.39 -15.05
C ILE C 23 -22.33 11.21 -16.42
N ALA C 24 -23.49 10.54 -16.45
CA ALA C 24 -24.21 10.29 -17.70
C ALA C 24 -24.62 11.60 -18.38
N ALA C 25 -25.21 12.50 -17.60
CA ALA C 25 -25.64 13.78 -18.14
C ALA C 25 -24.41 14.53 -18.64
N GLY C 26 -23.30 14.43 -17.92
CA GLY C 26 -22.08 15.12 -18.30
C GLY C 26 -21.43 14.61 -19.58
N LEU C 27 -21.34 13.30 -19.74
CA LEU C 27 -20.73 12.73 -20.93
C LEU C 27 -21.61 13.00 -22.15
N ALA C 28 -22.91 13.03 -21.92
CA ALA C 28 -23.85 13.32 -22.99
C ALA C 28 -23.57 14.75 -23.44
N THR C 29 -23.46 15.67 -22.48
CA THR C 29 -23.15 17.05 -22.84
C THR C 29 -21.83 17.09 -23.64
N ASP C 30 -20.84 16.30 -23.23
CA ASP C 30 -19.55 16.25 -23.91
C ASP C 30 -19.61 15.69 -25.34
N GLY C 31 -20.72 15.04 -25.69
CA GLY C 31 -20.85 14.52 -27.04
C GLY C 31 -21.00 13.02 -27.27
N TYR C 32 -20.96 12.24 -26.21
CA TYR C 32 -21.12 10.79 -26.34
C TYR C 32 -22.60 10.44 -26.41
N ARG C 33 -22.90 9.26 -26.93
CA ARG C 33 -24.27 8.81 -26.96
C ARG C 33 -24.30 7.90 -25.72
N VAL C 34 -24.88 8.40 -24.64
CA VAL C 34 -24.92 7.62 -23.42
C VAL C 34 -26.02 6.56 -23.40
N VAL C 35 -25.67 5.40 -22.85
CA VAL C 35 -26.58 4.28 -22.68
C VAL C 35 -26.85 4.23 -21.18
N LEU C 36 -28.10 4.53 -20.82
CA LEU C 36 -28.52 4.60 -19.42
C LEU C 36 -29.05 3.27 -18.88
N ILE C 37 -28.27 2.63 -18.02
CA ILE C 37 -28.70 1.36 -17.45
C ILE C 37 -29.11 1.49 -15.99
N ALA C 38 -30.24 0.87 -15.67
CA ALA C 38 -30.80 0.85 -14.31
C ALA C 38 -32.03 -0.04 -14.39
N ARG C 39 -32.58 -0.43 -13.24
CA ARG C 39 -33.75 -1.30 -13.21
C ARG C 39 -35.04 -0.60 -13.65
N SER C 40 -35.25 0.62 -13.19
CA SER C 40 -36.47 1.36 -13.52
C SER C 40 -36.47 2.12 -14.85
N LYS C 41 -37.28 1.63 -15.79
CA LYS C 41 -37.43 2.26 -17.09
C LYS C 41 -37.93 3.69 -16.87
N GLN C 42 -38.87 3.85 -15.94
CA GLN C 42 -39.45 5.16 -15.62
C GLN C 42 -38.43 6.20 -15.18
N ASN C 43 -37.62 5.84 -14.19
CA ASN C 43 -36.62 6.76 -13.67
C ASN C 43 -35.49 7.03 -14.68
N LEU C 44 -35.26 6.08 -15.59
CA LEU C 44 -34.23 6.27 -16.60
C LEU C 44 -34.74 7.30 -17.61
N GLU C 45 -35.99 7.15 -18.02
CA GLU C 45 -36.58 8.08 -18.98
C GLU C 45 -36.47 9.51 -18.49
N LYS C 46 -36.45 9.68 -17.18
CA LYS C 46 -36.34 11.00 -16.56
C LYS C 46 -34.95 11.60 -16.76
N VAL C 47 -33.91 10.78 -16.61
CA VAL C 47 -32.55 11.27 -16.80
C VAL C 47 -32.42 11.62 -18.27
N HIS C 48 -33.01 10.77 -19.12
CA HIS C 48 -33.02 10.96 -20.55
C HIS C 48 -33.69 12.29 -20.90
N ASP C 49 -34.86 12.53 -20.30
CA ASP C 49 -35.62 13.75 -20.54
C ASP C 49 -34.83 14.98 -20.12
N GLU C 50 -34.24 14.92 -18.94
CA GLU C 50 -33.46 16.00 -18.39
C GLU C 50 -32.31 16.38 -19.33
N ILE C 51 -31.67 15.37 -19.91
CA ILE C 51 -30.56 15.58 -20.83
C ILE C 51 -30.99 16.29 -22.12
N MSE C 52 -31.99 15.76 -22.82
CA MSE C 52 -32.48 16.39 -24.05
C MSE C 52 -32.79 17.85 -23.78
O MSE C 52 -32.32 18.75 -24.47
CB MSE C 52 -33.76 15.70 -24.54
CG MSE C 52 -33.62 14.27 -24.99
SE MSE C 52 -32.31 14.12 -26.39
CE MSE C 52 -33.48 14.35 -27.93
N ARG C 53 -33.59 18.06 -22.74
CA ARG C 53 -34.01 19.37 -22.29
C ARG C 53 -32.87 20.35 -22.03
N SER C 54 -31.82 19.85 -21.37
CA SER C 54 -30.67 20.68 -21.01
C SER C 54 -29.61 20.86 -22.10
N ASN C 55 -29.74 20.11 -23.20
CA ASN C 55 -28.76 20.20 -24.28
C ASN C 55 -29.37 20.50 -25.63
N LYS C 56 -28.76 21.45 -26.34
CA LYS C 56 -29.24 21.84 -27.65
C LYS C 56 -28.95 20.72 -28.66
N HIS C 57 -27.70 20.29 -28.71
CA HIS C 57 -27.31 19.23 -29.64
C HIS C 57 -26.64 18.07 -28.91
N VAL C 58 -27.38 16.99 -28.70
CA VAL C 58 -26.82 15.81 -28.07
C VAL C 58 -27.45 14.59 -28.67
N GLN C 59 -26.64 13.55 -28.84
CA GLN C 59 -27.14 12.30 -29.37
C GLN C 59 -28.13 11.82 -28.31
N GLU C 60 -29.33 11.46 -28.73
CA GLU C 60 -30.36 11.02 -27.80
C GLU C 60 -29.93 9.82 -26.95
N PRO C 61 -29.92 9.99 -25.62
CA PRO C 61 -29.51 8.88 -24.76
C PRO C 61 -30.39 7.67 -25.04
N ILE C 62 -29.80 6.50 -24.87
CA ILE C 62 -30.50 5.25 -25.06
C ILE C 62 -30.92 4.73 -23.68
N VAL C 63 -32.22 4.59 -23.47
CA VAL C 63 -32.76 4.11 -22.21
C VAL C 63 -32.77 2.60 -22.19
N LEU C 64 -31.98 2.00 -21.31
CA LEU C 64 -31.91 0.55 -21.23
C LEU C 64 -32.33 -0.03 -19.89
N PRO C 65 -33.64 -0.20 -19.68
CA PRO C 65 -34.11 -0.76 -18.41
C PRO C 65 -33.51 -2.15 -18.36
N LEU C 66 -32.77 -2.45 -17.31
CA LEU C 66 -32.14 -3.75 -17.25
C LEU C 66 -31.68 -4.08 -15.87
N ASP C 67 -31.76 -5.35 -15.51
CA ASP C 67 -31.24 -5.81 -14.23
C ASP C 67 -29.94 -6.51 -14.62
N ILE C 68 -28.81 -5.86 -14.38
CA ILE C 68 -27.52 -6.45 -14.74
C ILE C 68 -27.29 -7.84 -14.17
N THR C 69 -28.13 -8.24 -13.21
CA THR C 69 -28.05 -9.57 -12.61
C THR C 69 -28.35 -10.61 -13.70
N ASP C 70 -29.22 -10.25 -14.63
CA ASP C 70 -29.54 -11.12 -15.75
C ASP C 70 -28.43 -10.86 -16.78
N CYS C 71 -27.29 -11.52 -16.58
CA CYS C 71 -26.14 -11.33 -17.46
C CYS C 71 -26.42 -11.73 -18.89
N THR C 72 -27.30 -12.71 -19.10
CA THR C 72 -27.63 -13.13 -20.45
C THR C 72 -28.37 -12.02 -21.20
N LYS C 73 -29.32 -11.38 -20.55
CA LYS C 73 -30.07 -10.32 -21.20
C LYS C 73 -29.17 -9.10 -21.42
N ALA C 74 -28.31 -8.82 -20.45
CA ALA C 74 -27.38 -7.70 -20.53
C ALA C 74 -26.46 -7.85 -21.74
N ASP C 75 -25.89 -9.05 -21.92
CA ASP C 75 -25.00 -9.31 -23.05
C ASP C 75 -25.70 -9.10 -24.40
N THR C 76 -26.91 -9.64 -24.55
CA THR C 76 -27.68 -9.49 -25.78
C THR C 76 -28.00 -8.04 -26.08
N GLU C 77 -28.58 -7.35 -25.11
CA GLU C 77 -28.96 -5.95 -25.28
C GLU C 77 -27.77 -5.06 -25.68
N ILE C 78 -26.68 -5.16 -24.92
CA ILE C 78 -25.51 -4.34 -25.19
C ILE C 78 -24.91 -4.63 -26.55
N LYS C 79 -24.80 -5.91 -26.91
CA LYS C 79 -24.27 -6.24 -28.21
C LYS C 79 -25.20 -5.73 -29.32
N ASP C 80 -26.53 -5.75 -29.08
CA ASP C 80 -27.48 -5.21 -30.08
C ASP C 80 -27.18 -3.69 -30.26
N ILE C 81 -27.08 -2.98 -29.14
CA ILE C 81 -26.78 -1.56 -29.19
C ILE C 81 -25.47 -1.32 -29.95
N HIS C 82 -24.45 -2.11 -29.67
CA HIS C 82 -23.17 -1.97 -30.36
C HIS C 82 -23.31 -2.17 -31.89
N GLN C 83 -24.09 -3.16 -32.29
CA GLN C 83 -24.31 -3.45 -33.70
C GLN C 83 -25.04 -2.31 -34.40
N LYS C 84 -25.98 -1.70 -33.69
CA LYS C 84 -26.78 -0.61 -34.22
C LYS C 84 -26.12 0.77 -34.21
N TYR C 85 -25.47 1.11 -33.10
CA TYR C 85 -24.87 2.42 -32.96
C TYR C 85 -23.35 2.54 -33.13
N GLY C 86 -22.65 1.42 -33.21
CA GLY C 86 -21.22 1.50 -33.41
C GLY C 86 -20.36 1.34 -32.18
N ALA C 87 -19.17 1.93 -32.26
CA ALA C 87 -18.17 1.87 -31.20
C ALA C 87 -18.57 2.27 -29.78
N VAL C 88 -18.08 1.50 -28.82
CA VAL C 88 -18.32 1.75 -27.41
C VAL C 88 -17.01 2.31 -26.83
N ASP C 89 -16.98 3.62 -26.58
CA ASP C 89 -15.76 4.24 -26.08
C ASP C 89 -15.59 4.08 -24.57
N ILE C 90 -16.70 4.14 -23.84
CA ILE C 90 -16.64 4.11 -22.38
C ILE C 90 -17.64 3.24 -21.65
N LEU C 91 -17.20 2.67 -20.54
CA LEU C 91 -18.08 1.94 -19.66
C LEU C 91 -17.84 2.61 -18.30
N VAL C 92 -18.93 3.05 -17.68
CA VAL C 92 -18.83 3.65 -16.37
C VAL C 92 -19.71 2.83 -15.43
N ASN C 93 -19.08 2.07 -14.53
CA ASN C 93 -19.81 1.29 -13.56
C ASN C 93 -20.08 2.19 -12.35
N ALA C 94 -21.28 2.74 -12.27
CA ALA C 94 -21.64 3.62 -11.15
C ALA C 94 -22.85 3.06 -10.39
N ALA C 95 -23.12 1.76 -10.54
CA ALA C 95 -24.23 1.16 -9.82
C ALA C 95 -23.94 1.29 -8.33
N ALA C 96 -24.97 1.59 -7.54
CA ALA C 96 -24.79 1.73 -6.10
C ALA C 96 -24.40 0.40 -5.45
N MSE C 97 -23.66 0.50 -4.34
CA MSE C 97 -23.24 -0.67 -3.59
C MSE C 97 -24.43 -1.20 -2.82
O MSE C 97 -25.08 -0.47 -2.08
CB MSE C 97 -22.13 -0.28 -2.61
CG MSE C 97 -21.72 -1.40 -1.69
SE MSE C 97 -20.74 -2.78 -2.61
CE MSE C 97 -18.95 -2.34 -1.95
N PHE C 98 -24.72 -2.49 -2.98
CA PHE C 98 -25.82 -3.13 -2.30
C PHE C 98 -25.35 -3.76 -0.98
N MSE C 99 -26.18 -3.66 0.05
CA MSE C 99 -25.84 -4.22 1.36
C MSE C 99 -27.10 -4.62 2.13
O MSE C 99 -28.21 -4.21 1.76
CB MSE C 99 -25.04 -3.21 2.18
CG MSE C 99 -23.56 -3.11 1.82
SE MSE C 99 -22.58 -4.79 2.10
CE MSE C 99 -21.54 -4.85 0.47
N SER C 104 -32.54 -13.44 6.98
CA SER C 104 -32.92 -14.64 7.70
C SER C 104 -31.73 -15.55 7.92
N GLU C 105 -30.72 -15.42 7.06
CA GLU C 105 -29.51 -16.24 7.14
C GLU C 105 -28.35 -15.54 6.43
N PRO C 106 -27.27 -15.25 7.16
CA PRO C 106 -26.11 -14.57 6.60
C PRO C 106 -25.51 -15.21 5.35
N VAL C 107 -25.25 -16.52 5.40
CA VAL C 107 -24.64 -17.19 4.25
C VAL C 107 -25.38 -16.96 2.92
N ASP C 108 -26.71 -17.02 2.94
CA ASP C 108 -27.48 -16.79 1.72
C ASP C 108 -27.49 -15.30 1.42
N ASN C 109 -27.51 -14.50 2.46
CA ASN C 109 -27.49 -13.05 2.33
C ASN C 109 -26.14 -12.66 1.71
N PHE C 110 -25.07 -13.32 2.13
CA PHE C 110 -23.74 -13.05 1.62
C PHE C 110 -23.69 -13.38 0.12
N ARG C 111 -24.35 -14.47 -0.27
CA ARG C 111 -24.39 -14.87 -1.68
C ARG C 111 -25.09 -13.83 -2.54
N LYS C 112 -26.25 -13.37 -2.08
CA LYS C 112 -27.01 -12.38 -2.83
C LYS C 112 -26.22 -11.08 -3.00
N ILE C 113 -25.41 -10.77 -1.99
CA ILE C 113 -24.61 -9.56 -2.03
C ILE C 113 -23.44 -9.73 -3.01
N MSE C 114 -22.87 -10.92 -3.07
CA MSE C 114 -21.78 -11.16 -4.01
C MSE C 114 -22.34 -11.16 -5.43
O MSE C 114 -21.76 -10.56 -6.34
CB MSE C 114 -21.13 -12.51 -3.71
CG MSE C 114 -19.95 -12.42 -2.77
SE MSE C 114 -18.55 -11.38 -3.62
CE MSE C 114 -18.35 -12.53 -5.15
N GLU C 115 -23.48 -11.80 -5.60
CA GLU C 115 -24.14 -11.91 -6.90
C GLU C 115 -24.48 -10.55 -7.49
N ILE C 116 -25.10 -9.71 -6.68
CA ILE C 116 -25.52 -8.40 -7.12
C ILE C 116 -24.37 -7.42 -7.35
N ASN C 117 -23.41 -7.39 -6.43
CA ASN C 117 -22.30 -6.44 -6.55
C ASN C 117 -21.09 -6.94 -7.34
N VAL C 118 -20.78 -8.23 -7.26
CA VAL C 118 -19.60 -8.71 -7.94
C VAL C 118 -19.82 -9.54 -9.18
N ILE C 119 -20.64 -10.59 -9.06
CA ILE C 119 -20.93 -11.47 -10.17
C ILE C 119 -21.54 -10.69 -11.34
N ALA C 120 -22.50 -9.81 -11.03
CA ALA C 120 -23.15 -9.01 -12.05
C ALA C 120 -22.16 -8.05 -12.74
N GLN C 121 -21.33 -7.34 -11.98
CA GLN C 121 -20.39 -6.44 -12.64
C GLN C 121 -19.46 -7.24 -13.55
N TYR C 122 -19.12 -8.45 -13.12
CA TYR C 122 -18.27 -9.30 -13.94
C TYR C 122 -18.95 -9.52 -15.29
N GLY C 123 -20.25 -9.79 -15.25
CA GLY C 123 -21.01 -10.01 -16.48
C GLY C 123 -20.96 -8.81 -17.42
N ILE C 124 -21.24 -7.63 -16.88
CA ILE C 124 -21.20 -6.41 -17.68
C ILE C 124 -19.78 -6.24 -18.26
N LEU C 125 -18.77 -6.35 -17.39
CA LEU C 125 -17.37 -6.22 -17.80
C LEU C 125 -16.97 -7.20 -18.89
N LYS C 126 -17.45 -8.43 -18.79
CA LYS C 126 -17.10 -9.40 -19.80
C LYS C 126 -17.70 -9.01 -21.14
N THR C 127 -18.97 -8.62 -21.13
CA THR C 127 -19.66 -8.21 -22.35
C THR C 127 -18.94 -7.06 -23.01
N VAL C 128 -18.79 -5.98 -22.26
CA VAL C 128 -18.15 -4.80 -22.78
C VAL C 128 -16.70 -4.98 -23.21
N THR C 129 -15.90 -5.70 -22.42
CA THR C 129 -14.51 -5.88 -22.81
C THR C 129 -14.40 -6.71 -24.12
N GLU C 130 -15.38 -7.57 -24.39
CA GLU C 130 -15.38 -8.36 -25.61
C GLU C 130 -15.47 -7.38 -26.77
N ILE C 131 -16.35 -6.41 -26.63
CA ILE C 131 -16.53 -5.39 -27.65
C ILE C 131 -15.25 -4.55 -27.79
N MSE C 132 -14.72 -4.06 -26.67
CA MSE C 132 -13.52 -3.24 -26.68
C MSE C 132 -12.29 -3.97 -27.18
O MSE C 132 -11.43 -3.36 -27.84
CB MSE C 132 -13.27 -2.66 -25.28
CG MSE C 132 -14.33 -1.68 -24.84
SE MSE C 132 -14.04 -1.01 -23.07
CE MSE C 132 -15.22 0.54 -23.16
N LYS C 133 -12.17 -5.25 -26.87
CA LYS C 133 -11.01 -6.01 -27.34
C LYS C 133 -10.99 -6.04 -28.85
N VAL C 134 -12.15 -6.15 -29.47
CA VAL C 134 -12.23 -6.17 -30.92
C VAL C 134 -11.87 -4.80 -31.49
N GLN C 135 -12.27 -3.73 -30.80
CA GLN C 135 -11.97 -2.39 -31.28
C GLN C 135 -10.52 -2.02 -30.95
N LYS C 136 -9.92 -2.73 -29.98
CA LYS C 136 -8.56 -2.44 -29.54
C LYS C 136 -8.58 -1.03 -28.96
N ASN C 137 -9.73 -0.64 -28.38
CA ASN C 137 -9.89 0.68 -27.80
C ASN C 137 -11.03 0.72 -26.79
N GLY C 138 -10.89 1.58 -25.78
CA GLY C 138 -11.92 1.71 -24.78
C GLY C 138 -11.41 2.15 -23.43
N TYR C 139 -12.30 2.74 -22.63
CA TYR C 139 -11.95 3.18 -21.30
C TYR C 139 -13.04 2.76 -20.31
N ILE C 140 -12.62 1.98 -19.32
CA ILE C 140 -13.52 1.49 -18.29
C ILE C 140 -13.28 2.25 -16.97
N PHE C 141 -14.33 2.87 -16.45
CA PHE C 141 -14.24 3.60 -15.19
C PHE C 141 -15.09 2.89 -14.14
N ASN C 142 -14.53 2.74 -12.93
CA ASN C 142 -15.26 2.12 -11.84
C ASN C 142 -15.44 3.17 -10.76
N VAL C 143 -16.64 3.27 -10.23
CA VAL C 143 -16.89 4.18 -9.14
C VAL C 143 -17.16 3.31 -7.92
N ALA C 144 -16.22 3.32 -6.98
CA ALA C 144 -16.38 2.57 -5.75
C ALA C 144 -16.97 3.53 -4.73
N SER C 145 -16.78 3.23 -3.45
CA SER C 145 -17.30 4.07 -2.38
C SER C 145 -16.85 3.42 -1.10
N PHE C 152 -17.78 -2.60 8.09
CA PHE C 152 -18.30 -2.13 9.37
C PHE C 152 -18.74 -3.33 10.22
N ALA C 153 -17.81 -4.27 10.42
CA ALA C 153 -18.07 -5.49 11.18
C ALA C 153 -18.79 -6.48 10.24
N ASP C 154 -20.05 -6.79 10.55
CA ASP C 154 -20.87 -7.70 9.73
C ASP C 154 -20.22 -9.01 9.35
N GLY C 155 -19.26 -9.48 10.14
CA GLY C 155 -18.63 -10.74 9.79
C GLY C 155 -17.79 -10.67 8.52
N GLY C 156 -17.51 -9.45 8.05
CA GLY C 156 -16.68 -9.29 6.86
C GLY C 156 -17.33 -9.20 5.49
N ILE C 157 -18.65 -9.17 5.45
CA ILE C 157 -19.39 -9.10 4.19
C ILE C 157 -19.04 -7.86 3.35
N TYR C 158 -19.18 -6.68 3.93
CA TYR C 158 -18.89 -5.45 3.22
C TYR C 158 -17.48 -5.39 2.60
N GLY C 159 -16.45 -5.60 3.41
CA GLY C 159 -15.08 -5.56 2.92
C GLY C 159 -14.74 -6.61 1.87
N SER C 160 -15.23 -7.83 2.06
CA SER C 160 -14.96 -8.91 1.11
C SER C 160 -15.45 -8.45 -0.26
N THR C 161 -16.70 -7.99 -0.30
CA THR C 161 -17.32 -7.53 -1.53
C THR C 161 -16.55 -6.40 -2.19
N LYS C 162 -16.16 -5.40 -1.40
CA LYS C 162 -15.43 -4.25 -1.90
C LYS C 162 -14.07 -4.68 -2.50
N PHE C 163 -13.31 -5.46 -1.73
CA PHE C 163 -12.02 -5.96 -2.18
C PHE C 163 -12.12 -6.80 -3.45
N ALA C 164 -13.22 -7.55 -3.57
CA ALA C 164 -13.41 -8.40 -4.75
C ALA C 164 -13.53 -7.53 -6.00
N LEU C 165 -14.16 -6.38 -5.87
CA LEU C 165 -14.30 -5.49 -7.01
C LEU C 165 -12.96 -4.88 -7.38
N LEU C 166 -12.15 -4.56 -6.37
CA LEU C 166 -10.82 -4.01 -6.64
C LEU C 166 -9.92 -5.08 -7.22
N GLY C 167 -10.09 -6.31 -6.78
CA GLY C 167 -9.27 -7.40 -7.29
C GLY C 167 -9.58 -7.63 -8.75
N LEU C 168 -10.86 -7.44 -9.08
CA LEU C 168 -11.33 -7.60 -10.45
C LEU C 168 -10.69 -6.46 -11.25
N ALA C 169 -10.83 -5.25 -10.73
CA ALA C 169 -10.28 -4.06 -11.35
C ALA C 169 -8.77 -4.18 -11.58
N GLU C 170 -8.04 -4.62 -10.57
CA GLU C 170 -6.59 -4.77 -10.64
C GLU C 170 -6.19 -5.70 -11.79
N SER C 171 -6.85 -6.84 -11.86
CA SER C 171 -6.58 -7.83 -12.89
C SER C 171 -6.82 -7.25 -14.29
N LEU C 172 -7.99 -6.65 -14.50
CA LEU C 172 -8.30 -6.09 -15.83
C LEU C 172 -7.36 -4.97 -16.24
N TYR C 173 -6.95 -4.15 -15.26
CA TYR C 173 -6.02 -3.07 -15.54
C TYR C 173 -4.79 -3.65 -16.26
N ARG C 174 -4.25 -4.74 -15.71
CA ARG C 174 -3.06 -5.39 -16.26
C ARG C 174 -3.33 -6.10 -17.57
N GLU C 175 -4.38 -6.91 -17.59
CA GLU C 175 -4.77 -7.68 -18.77
C GLU C 175 -5.16 -6.86 -20.00
N LEU C 176 -5.90 -5.78 -19.78
CA LEU C 176 -6.37 -4.95 -20.88
C LEU C 176 -5.41 -3.87 -21.36
N ALA C 177 -4.40 -3.53 -20.56
CA ALA C 177 -3.45 -2.49 -20.94
C ALA C 177 -2.92 -2.63 -22.37
N PRO C 178 -2.26 -3.75 -22.68
CA PRO C 178 -1.72 -3.96 -24.02
C PRO C 178 -2.74 -3.94 -25.16
N LEU C 179 -4.00 -4.26 -24.86
CA LEU C 179 -5.03 -4.30 -25.87
C LEU C 179 -5.54 -2.93 -26.26
N GLY C 180 -5.06 -1.91 -25.54
CA GLY C 180 -5.46 -0.54 -25.83
C GLY C 180 -6.65 -0.10 -25.00
N ILE C 181 -7.02 -0.90 -24.01
CA ILE C 181 -8.16 -0.58 -23.16
C ILE C 181 -7.70 -0.15 -21.78
N ARG C 182 -8.14 1.03 -21.35
CA ARG C 182 -7.73 1.51 -20.03
C ARG C 182 -8.78 1.35 -18.96
N VAL C 183 -8.30 1.16 -17.75
CA VAL C 183 -9.15 0.96 -16.59
C VAL C 183 -8.69 1.86 -15.43
N THR C 184 -9.65 2.54 -14.82
CA THR C 184 -9.34 3.40 -13.68
C THR C 184 -10.47 3.31 -12.66
N THR C 185 -10.09 2.97 -11.43
CA THR C 185 -11.08 2.89 -10.36
C THR C 185 -11.02 4.20 -9.57
N LEU C 186 -12.17 4.84 -9.40
CA LEU C 186 -12.27 6.08 -8.62
C LEU C 186 -12.85 5.73 -7.24
N CYS C 187 -12.12 6.07 -6.18
CA CYS C 187 -12.55 5.75 -4.80
C CYS C 187 -12.86 7.01 -3.98
N PRO C 188 -14.11 7.49 -4.04
CA PRO C 188 -14.45 8.69 -3.28
C PRO C 188 -15.06 8.37 -1.91
N GLY C 189 -14.92 9.30 -0.98
CA GLY C 189 -15.53 9.12 0.32
C GLY C 189 -16.98 9.49 0.06
N TRP C 190 -17.68 10.02 1.05
CA TRP C 190 -19.06 10.42 0.83
C TRP C 190 -19.14 11.41 -0.31
N VAL C 191 -20.14 11.24 -1.18
CA VAL C 191 -20.34 12.11 -2.33
C VAL C 191 -21.70 12.80 -2.16
N ASN C 192 -21.76 14.09 -2.47
CA ASN C 192 -23.00 14.84 -2.30
C ASN C 192 -24.08 14.66 -3.36
N THR C 193 -24.87 13.60 -3.20
CA THR C 193 -25.99 13.33 -4.10
C THR C 193 -27.16 12.99 -3.21
N ASP C 194 -28.35 12.93 -3.79
CA ASP C 194 -29.56 12.61 -3.05
C ASP C 194 -29.37 11.26 -2.36
N MSE C 195 -28.65 10.38 -3.04
CA MSE C 195 -28.37 9.05 -2.52
C MSE C 195 -27.56 9.15 -1.22
O MSE C 195 -27.59 8.24 -0.39
CB MSE C 195 -27.56 8.25 -3.54
CG MSE C 195 -28.28 7.97 -4.85
SE MSE C 195 -29.87 6.90 -4.55
CE MSE C 195 -29.01 5.16 -4.27
N ALA C 196 -26.82 10.25 -1.07
CA ALA C 196 -26.00 10.46 0.13
C ALA C 196 -26.87 10.80 1.32
N LYS C 197 -27.83 11.70 1.11
CA LYS C 197 -28.72 12.11 2.18
C LYS C 197 -29.59 10.94 2.59
N LYS C 198 -30.11 10.20 1.62
CA LYS C 198 -30.97 9.07 1.96
C LYS C 198 -30.11 8.00 2.64
N ALA C 199 -28.83 7.94 2.32
CA ALA C 199 -27.95 6.99 2.98
C ALA C 199 -27.78 7.62 4.37
N GLY C 200 -26.76 7.24 5.14
CA GLY C 200 -26.62 7.84 6.45
C GLY C 200 -25.59 8.96 6.60
N THR C 201 -25.50 9.84 5.61
CA THR C 201 -24.53 10.93 5.63
C THR C 201 -24.64 11.91 6.80
N PRO C 202 -23.59 12.01 7.62
CA PRO C 202 -23.57 12.91 8.77
C PRO C 202 -22.95 14.27 8.43
N PHE C 203 -22.50 14.42 7.19
CA PHE C 203 -21.87 15.66 6.74
C PHE C 203 -22.81 16.55 5.95
N LYS C 204 -22.54 17.85 5.96
CA LYS C 204 -23.32 18.81 5.20
C LYS C 204 -22.95 18.63 3.73
N ASP C 205 -23.82 19.07 2.83
CA ASP C 205 -23.56 18.94 1.40
C ASP C 205 -22.13 19.32 1.07
N GLU C 206 -21.82 20.60 1.29
CA GLU C 206 -20.51 21.18 1.03
C GLU C 206 -19.29 20.37 1.49
N GLU C 207 -19.39 19.79 2.69
CA GLU C 207 -18.31 19.01 3.28
C GLU C 207 -17.93 17.73 2.54
N MSE C 208 -18.84 17.20 1.74
CA MSE C 208 -18.55 15.97 1.01
C MSE C 208 -17.91 16.21 -0.36
O MSE C 208 -17.79 17.33 -0.84
CB MSE C 208 -19.84 15.16 0.79
CG MSE C 208 -20.49 14.64 2.05
SE MSE C 208 -22.23 13.89 1.63
CE MSE C 208 -23.15 15.57 1.31
N ILE C 209 -17.50 15.11 -0.97
CA ILE C 209 -16.93 15.16 -2.31
C ILE C 209 -18.15 15.44 -3.19
N GLN C 210 -17.98 16.33 -4.17
CA GLN C 210 -19.09 16.67 -5.05
C GLN C 210 -19.17 15.77 -6.29
N PRO C 211 -20.40 15.52 -6.80
CA PRO C 211 -20.56 14.66 -7.97
C PRO C 211 -19.77 15.12 -9.18
N ASP C 212 -19.72 16.42 -9.40
CA ASP C 212 -18.99 16.97 -10.53
C ASP C 212 -17.48 16.73 -10.43
N ASP C 213 -16.98 16.56 -9.21
CA ASP C 213 -15.57 16.30 -9.04
C ASP C 213 -15.21 14.99 -9.74
N LEU C 214 -16.10 14.00 -9.63
CA LEU C 214 -15.86 12.71 -10.26
C LEU C 214 -15.97 12.82 -11.78
N LEU C 215 -16.98 13.54 -12.25
CA LEU C 215 -17.20 13.73 -13.68
C LEU C 215 -16.03 14.46 -14.32
N ASN C 216 -15.58 15.54 -13.68
CA ASN C 216 -14.47 16.27 -14.24
C ASN C 216 -13.18 15.45 -14.17
N THR C 217 -13.04 14.60 -13.16
CA THR C 217 -11.83 13.77 -13.09
C THR C 217 -11.90 12.78 -14.28
N ILE C 218 -13.08 12.23 -14.56
CA ILE C 218 -13.23 11.31 -15.69
C ILE C 218 -12.92 12.05 -17.00
N ARG C 219 -13.34 13.31 -17.08
CA ARG C 219 -13.10 14.13 -18.26
C ARG C 219 -11.59 14.32 -18.45
N CYS C 220 -10.89 14.58 -17.34
CA CYS C 220 -9.45 14.74 -17.39
C CYS C 220 -8.79 13.41 -17.83
N LEU C 221 -9.27 12.30 -17.31
CA LEU C 221 -8.72 11.00 -17.68
C LEU C 221 -8.91 10.73 -19.17
N LEU C 222 -10.10 11.03 -19.68
CA LEU C 222 -10.37 10.82 -21.10
C LEU C 222 -9.45 11.66 -22.00
N ASN C 223 -8.98 12.80 -21.51
CA ASN C 223 -8.12 13.67 -22.30
C ASN C 223 -6.62 13.40 -22.23
N LEU C 224 -6.21 12.53 -21.31
CA LEU C 224 -4.80 12.18 -21.16
C LEU C 224 -4.33 11.49 -22.45
N SER C 225 -3.04 11.54 -22.74
CA SER C 225 -2.55 10.89 -23.96
C SER C 225 -2.89 9.39 -23.87
N GLU C 226 -3.01 8.75 -25.02
CA GLU C 226 -3.40 7.34 -25.13
C GLU C 226 -2.63 6.30 -24.33
N ASN C 227 -1.36 6.53 -24.10
CA ASN C 227 -0.54 5.57 -23.39
C ASN C 227 -0.43 5.74 -21.88
N VAL C 228 -1.12 6.74 -21.33
CA VAL C 228 -1.05 6.97 -19.89
C VAL C 228 -2.06 6.14 -19.15
N CYS C 229 -1.61 5.36 -18.18
CA CYS C 229 -2.50 4.54 -17.39
C CYS C 229 -2.42 4.93 -15.93
N ILE C 230 -3.58 5.09 -15.32
CA ILE C 230 -3.73 5.44 -13.92
C ILE C 230 -4.68 4.39 -13.35
N LYS C 231 -4.16 3.51 -12.50
CA LYS C 231 -4.97 2.45 -11.95
C LYS C 231 -6.11 2.97 -11.08
N ASP C 232 -5.83 3.93 -10.21
CA ASP C 232 -6.89 4.45 -9.35
C ASP C 232 -6.61 5.82 -8.77
N ILE C 233 -7.67 6.51 -8.36
CA ILE C 233 -7.55 7.82 -7.75
C ILE C 233 -8.43 7.82 -6.50
N VAL C 234 -7.79 8.00 -5.35
CA VAL C 234 -8.52 8.04 -4.09
C VAL C 234 -8.87 9.47 -3.70
N PHE C 235 -10.17 9.72 -3.53
CA PHE C 235 -10.69 11.03 -3.17
C PHE C 235 -11.00 11.04 -1.67
N GLU C 236 -10.47 12.04 -0.98
CA GLU C 236 -10.68 12.15 0.46
C GLU C 236 -11.22 13.50 0.87
N MSE C 237 -12.09 13.51 1.88
CA MSE C 237 -12.69 14.74 2.39
C MSE C 237 -11.77 15.46 3.38
O MSE C 237 -11.17 14.83 4.27
CB MSE C 237 -14.00 14.44 3.12
CG MSE C 237 -15.16 14.06 2.23
SE MSE C 237 -16.66 13.59 3.40
CE MSE C 237 -16.23 11.69 3.59
N LYS C 238 -11.65 16.77 3.24
CA LYS C 238 -10.83 17.57 4.13
C LYS C 238 -11.29 17.24 5.53
N LYS C 239 -12.61 17.29 5.72
CA LYS C 239 -13.25 17.01 7.00
C LYS C 239 -12.76 15.68 7.58
N SER C 240 -12.73 14.65 6.75
CA SER C 240 -12.28 13.34 7.20
C SER C 240 -10.85 13.36 7.71
N ILE C 241 -9.98 14.05 6.97
CA ILE C 241 -8.58 14.16 7.35
C ILE C 241 -8.45 14.93 8.66
N ILE C 242 -9.21 16.03 8.78
CA ILE C 242 -9.19 16.83 10.00
C ILE C 242 -9.54 15.95 11.19
N GLU C 243 -10.81 15.55 11.24
CA GLU C 243 -11.35 14.72 12.31
C GLU C 243 -10.36 13.65 12.81
N GLN D 6 -1.53 -24.67 24.72
CA GLN D 6 -1.82 -25.59 23.58
C GLN D 6 -2.65 -26.76 24.11
N LYS D 7 -3.90 -26.49 24.51
CA LYS D 7 -4.74 -27.54 25.07
C LYS D 7 -6.08 -27.86 24.39
N GLY D 8 -6.74 -26.85 23.83
CA GLY D 8 -8.03 -27.09 23.18
C GLY D 8 -7.98 -27.65 21.77
N LEU D 9 -9.13 -27.58 21.07
CA LEU D 9 -9.27 -28.08 19.72
C LEU D 9 -8.65 -27.20 18.64
N ALA D 10 -8.29 -27.82 17.53
CA ALA D 10 -7.68 -27.12 16.40
C ALA D 10 -8.34 -27.57 15.10
N ILE D 11 -9.28 -26.78 14.60
CA ILE D 11 -9.97 -27.12 13.36
C ILE D 11 -9.07 -26.73 12.19
N ILE D 12 -8.85 -27.69 11.29
CA ILE D 12 -7.98 -27.45 10.14
C ILE D 12 -8.56 -27.98 8.83
N THR D 13 -8.92 -27.08 7.92
CA THR D 13 -9.47 -27.48 6.63
C THR D 13 -8.31 -27.86 5.72
N GLY D 14 -8.58 -28.67 4.70
CA GLY D 14 -7.52 -29.12 3.80
C GLY D 14 -6.49 -29.89 4.58
N ALA D 15 -6.93 -30.51 5.67
CA ALA D 15 -6.08 -31.29 6.57
C ALA D 15 -5.50 -32.60 6.02
N SER D 16 -6.12 -33.17 5.01
CA SER D 16 -5.66 -34.44 4.45
C SER D 16 -4.47 -34.31 3.50
N GLN D 17 -4.15 -33.09 3.08
CA GLN D 17 -3.06 -32.89 2.15
C GLN D 17 -2.08 -31.77 2.48
N GLY D 18 -0.94 -31.83 1.79
CA GLY D 18 0.13 -30.86 1.93
C GLY D 18 0.19 -29.98 3.16
N ILE D 19 0.13 -28.68 2.94
CA ILE D 19 0.21 -27.70 4.01
C ILE D 19 -0.76 -27.89 5.17
N GLY D 20 -2.02 -28.21 4.86
CA GLY D 20 -3.01 -28.42 5.90
C GLY D 20 -2.63 -29.61 6.77
N ALA D 21 -2.12 -30.65 6.12
CA ALA D 21 -1.71 -31.86 6.82
C ALA D 21 -0.49 -31.58 7.68
N VAL D 22 0.50 -30.88 7.14
CA VAL D 22 1.73 -30.57 7.89
C VAL D 22 1.44 -29.75 9.14
N ILE D 23 0.54 -28.78 9.02
CA ILE D 23 0.19 -27.94 10.16
C ILE D 23 -0.67 -28.72 11.15
N ALA D 24 -1.46 -29.67 10.65
CA ALA D 24 -2.31 -30.47 11.51
C ALA D 24 -1.42 -31.32 12.41
N ALA D 25 -0.43 -31.96 11.80
CA ALA D 25 0.50 -32.81 12.53
C ALA D 25 1.41 -31.97 13.43
N GLY D 26 1.57 -30.70 13.07
CA GLY D 26 2.41 -29.81 13.85
C GLY D 26 1.77 -29.33 15.14
N LEU D 27 0.48 -29.01 15.08
CA LEU D 27 -0.24 -28.54 16.24
C LEU D 27 -0.67 -29.70 17.14
N ALA D 28 -0.79 -30.89 16.55
CA ALA D 28 -1.17 -32.08 17.30
C ALA D 28 -0.01 -32.39 18.24
N THR D 29 1.21 -32.30 17.70
CA THR D 29 2.42 -32.55 18.47
C THR D 29 2.53 -31.49 19.56
N ASP D 30 2.07 -30.28 19.25
CA ASP D 30 2.10 -29.16 20.18
C ASP D 30 1.09 -29.33 21.32
N GLY D 31 0.17 -30.26 21.18
CA GLY D 31 -0.79 -30.48 22.24
C GLY D 31 -2.26 -30.27 21.94
N TYR D 32 -2.57 -29.51 20.90
CA TYR D 32 -3.96 -29.24 20.54
C TYR D 32 -4.62 -30.51 20.04
N ARG D 33 -5.95 -30.56 20.16
CA ARG D 33 -6.70 -31.70 19.65
C ARG D 33 -7.20 -31.22 18.30
N VAL D 34 -6.57 -31.73 17.24
CA VAL D 34 -6.90 -31.33 15.88
C VAL D 34 -8.11 -32.02 15.26
N VAL D 35 -8.87 -31.24 14.51
CA VAL D 35 -10.06 -31.71 13.81
C VAL D 35 -9.71 -31.67 12.33
N LEU D 36 -9.44 -32.85 11.76
CA LEU D 36 -9.06 -32.95 10.35
C LEU D 36 -10.24 -32.89 9.39
N ILE D 37 -10.41 -31.75 8.74
CA ILE D 37 -11.49 -31.58 7.78
C ILE D 37 -11.04 -31.69 6.34
N ALA D 38 -11.81 -32.45 5.56
CA ALA D 38 -11.57 -32.68 4.14
C ALA D 38 -12.66 -33.65 3.68
N ARG D 39 -12.36 -34.51 2.71
CA ARG D 39 -13.36 -35.46 2.23
C ARG D 39 -12.99 -36.92 2.45
N SER D 40 -11.81 -37.27 1.98
CA SER D 40 -11.32 -38.64 2.06
C SER D 40 -11.13 -39.27 3.42
N LYS D 41 -12.10 -40.09 3.82
CA LYS D 41 -12.00 -40.85 5.07
C LYS D 41 -11.13 -41.99 4.55
N GLN D 42 -10.02 -41.60 3.94
CA GLN D 42 -9.05 -42.47 3.31
C GLN D 42 -7.76 -41.66 3.46
N ASN D 43 -7.84 -40.40 3.06
CA ASN D 43 -6.69 -39.50 3.16
C ASN D 43 -6.55 -38.87 4.54
N LEU D 44 -7.67 -38.60 5.21
CA LEU D 44 -7.64 -38.02 6.55
C LEU D 44 -7.02 -39.03 7.53
N GLU D 45 -7.65 -40.19 7.67
CA GLU D 45 -7.17 -41.26 8.55
C GLU D 45 -5.67 -41.42 8.37
N LYS D 46 -5.22 -41.32 7.13
CA LYS D 46 -3.81 -41.44 6.80
C LYS D 46 -3.04 -40.44 7.67
N VAL D 47 -3.58 -39.22 7.79
CA VAL D 47 -2.97 -38.17 8.58
C VAL D 47 -3.16 -38.54 10.05
N HIS D 48 -4.31 -39.11 10.35
CA HIS D 48 -4.63 -39.54 11.72
C HIS D 48 -3.57 -40.51 12.21
N ASP D 49 -3.46 -41.64 11.51
CA ASP D 49 -2.50 -42.69 11.85
C ASP D 49 -1.09 -42.16 12.00
N GLU D 50 -0.61 -41.41 11.01
CA GLU D 50 0.75 -40.88 11.10
C GLU D 50 0.93 -40.07 12.37
N ILE D 51 0.16 -38.99 12.49
CA ILE D 51 0.25 -38.13 13.68
C ILE D 51 0.52 -39.01 14.89
N MSE D 52 -0.44 -39.88 15.17
CA MSE D 52 -0.32 -40.80 16.29
C MSE D 52 0.35 -42.07 15.88
O MSE D 52 -0.30 -43.11 15.78
CB MSE D 52 -1.67 -41.16 16.80
CG MSE D 52 -1.81 -41.02 18.23
SE MSE D 52 -3.62 -41.08 17.94
CE MSE D 52 -4.21 -41.28 19.76
N ARG D 53 1.66 -41.99 15.68
CA ARG D 53 2.45 -43.11 15.26
C ARG D 53 3.80 -42.44 15.13
N SER D 54 3.80 -41.17 15.51
CA SER D 54 4.97 -40.32 15.47
C SER D 54 5.06 -39.52 16.75
N ASN D 55 4.11 -39.76 17.66
CA ASN D 55 4.12 -39.03 18.93
C ASN D 55 4.05 -39.95 20.14
N LYS D 56 4.81 -39.61 21.16
CA LYS D 56 4.80 -40.40 22.38
C LYS D 56 3.39 -40.27 22.98
N HIS D 57 2.89 -39.04 23.02
CA HIS D 57 1.55 -38.78 23.57
C HIS D 57 0.86 -37.65 22.83
N VAL D 58 -0.28 -37.97 22.20
CA VAL D 58 -1.06 -36.98 21.47
C VAL D 58 -2.55 -37.14 21.72
N GLN D 59 -3.26 -36.03 21.86
CA GLN D 59 -4.70 -36.06 22.13
C GLN D 59 -5.51 -36.84 21.11
N GLU D 60 -4.88 -37.21 20.00
CA GLU D 60 -5.52 -37.95 18.92
C GLU D 60 -6.40 -37.07 18.06
N PRO D 61 -6.16 -37.06 16.74
CA PRO D 61 -6.92 -36.26 15.78
C PRO D 61 -8.38 -36.69 15.65
N ILE D 62 -9.23 -35.73 15.27
CA ILE D 62 -10.65 -35.99 15.06
C ILE D 62 -10.94 -35.94 13.57
N VAL D 63 -11.14 -37.12 12.97
CA VAL D 63 -11.42 -37.21 11.54
C VAL D 63 -12.86 -36.83 11.23
N LEU D 64 -13.04 -35.67 10.59
CA LEU D 64 -14.37 -35.18 10.24
C LEU D 64 -14.53 -35.05 8.73
N PRO D 65 -14.81 -36.16 8.04
CA PRO D 65 -14.98 -36.09 6.58
C PRO D 65 -16.08 -35.07 6.31
N LEU D 66 -15.83 -34.14 5.40
CA LEU D 66 -16.82 -33.12 5.12
C LEU D 66 -16.48 -32.29 3.89
N ASP D 67 -17.52 -31.80 3.22
CA ASP D 67 -17.35 -30.94 2.08
C ASP D 67 -17.76 -29.57 2.60
N ILE D 68 -16.79 -28.75 3.00
CA ILE D 68 -17.12 -27.44 3.55
C ILE D 68 -18.02 -26.60 2.65
N THR D 69 -18.10 -26.95 1.37
CA THR D 69 -18.95 -26.22 0.44
C THR D 69 -20.43 -26.50 0.76
N ASP D 70 -20.67 -27.53 1.55
CA ASP D 70 -22.02 -27.89 1.98
C ASP D 70 -22.23 -27.11 3.29
N CYS D 71 -22.32 -25.79 3.16
CA CYS D 71 -22.46 -24.88 4.29
C CYS D 71 -23.30 -25.31 5.48
N THR D 72 -24.58 -25.60 5.27
CA THR D 72 -25.46 -26.01 6.36
C THR D 72 -24.90 -27.22 7.11
N LYS D 73 -24.57 -28.27 6.37
CA LYS D 73 -24.03 -29.49 6.98
C LYS D 73 -22.70 -29.20 7.67
N ALA D 74 -21.82 -28.47 6.99
CA ALA D 74 -20.51 -28.15 7.54
C ALA D 74 -20.67 -27.45 8.88
N ASP D 75 -21.68 -26.58 8.97
CA ASP D 75 -21.92 -25.86 10.21
C ASP D 75 -22.46 -26.77 11.32
N THR D 76 -23.25 -27.76 10.93
CA THR D 76 -23.80 -28.70 11.89
C THR D 76 -22.66 -29.53 12.45
N GLU D 77 -21.87 -30.11 11.54
CA GLU D 77 -20.74 -30.95 11.91
C GLU D 77 -19.81 -30.25 12.90
N ILE D 78 -19.47 -29.00 12.61
CA ILE D 78 -18.57 -28.28 13.50
C ILE D 78 -19.18 -28.06 14.88
N LYS D 79 -20.42 -27.59 14.91
CA LYS D 79 -21.11 -27.35 16.19
C LYS D 79 -21.14 -28.63 17.02
N ASP D 80 -21.49 -29.74 16.37
CA ASP D 80 -21.54 -31.03 17.04
C ASP D 80 -20.17 -31.29 17.67
N ILE D 81 -19.11 -31.07 16.88
CA ILE D 81 -17.75 -31.27 17.37
C ILE D 81 -17.48 -30.35 18.56
N HIS D 82 -18.13 -29.19 18.57
CA HIS D 82 -17.95 -28.24 19.66
C HIS D 82 -18.68 -28.69 20.92
N GLN D 83 -19.78 -29.40 20.72
CA GLN D 83 -20.57 -29.90 21.83
C GLN D 83 -19.85 -31.04 22.53
N LYS D 84 -19.28 -31.94 21.74
CA LYS D 84 -18.60 -33.09 22.29
C LYS D 84 -17.23 -32.81 22.89
N TYR D 85 -16.35 -32.12 22.16
CA TYR D 85 -14.99 -31.90 22.64
C TYR D 85 -14.56 -30.60 23.26
N GLY D 86 -15.49 -29.71 23.58
CA GLY D 86 -15.11 -28.46 24.21
C GLY D 86 -14.83 -27.20 23.40
N ALA D 87 -13.94 -26.37 23.94
CA ALA D 87 -13.57 -25.11 23.31
C ALA D 87 -12.68 -25.26 22.08
N VAL D 88 -12.79 -24.26 21.20
CA VAL D 88 -12.00 -24.22 19.97
C VAL D 88 -11.01 -23.08 20.13
N ASP D 89 -9.72 -23.41 20.18
CA ASP D 89 -8.68 -22.39 20.34
C ASP D 89 -8.11 -21.93 19.02
N ILE D 90 -8.15 -22.80 18.01
CA ILE D 90 -7.57 -22.49 16.72
C ILE D 90 -8.35 -22.94 15.51
N LEU D 91 -8.33 -22.10 14.48
CA LEU D 91 -8.98 -22.39 13.20
C LEU D 91 -7.95 -22.07 12.13
N VAL D 92 -7.52 -23.09 11.40
CA VAL D 92 -6.56 -22.88 10.32
C VAL D 92 -7.19 -23.21 8.98
N ASN D 93 -7.45 -22.17 8.19
CA ASN D 93 -8.05 -22.33 6.85
C ASN D 93 -6.92 -22.60 5.87
N ALA D 94 -6.63 -23.88 5.65
CA ALA D 94 -5.54 -24.26 4.76
C ALA D 94 -5.99 -25.02 3.53
N ALA D 95 -7.29 -24.98 3.25
CA ALA D 95 -7.84 -25.65 2.08
C ALA D 95 -7.25 -25.01 0.83
N ALA D 96 -6.98 -25.83 -0.18
CA ALA D 96 -6.43 -25.33 -1.43
C ALA D 96 -7.51 -24.54 -2.14
N MSE D 97 -7.11 -23.51 -2.88
CA MSE D 97 -8.10 -22.71 -3.59
C MSE D 97 -8.49 -23.35 -4.91
O MSE D 97 -7.67 -23.98 -5.58
CB MSE D 97 -7.57 -21.30 -3.84
CG MSE D 97 -8.50 -20.46 -4.70
SE MSE D 97 -8.01 -18.59 -4.73
CE MSE D 97 -6.08 -18.77 -4.60
N PHE D 98 -9.76 -23.18 -5.27
CA PHE D 98 -10.30 -23.71 -6.50
C PHE D 98 -10.20 -22.60 -7.55
N MSE D 99 -8.97 -22.21 -7.89
CA MSE D 99 -8.70 -21.16 -8.87
C MSE D 99 -9.54 -19.90 -8.74
O MSE D 99 -9.69 -19.13 -9.71
CB MSE D 99 -8.88 -21.72 -10.27
CG MSE D 99 -9.95 -22.77 -10.33
SE MSE D 99 -10.54 -23.02 -12.11
CE MSE D 99 -10.97 -24.95 -12.06
N GLU D 105 -19.80 -21.88 -19.10
CA GLU D 105 -20.00 -20.46 -19.41
C GLU D 105 -19.27 -19.58 -18.38
N PRO D 106 -18.58 -18.51 -18.83
CA PRO D 106 -17.85 -17.62 -17.94
C PRO D 106 -18.51 -17.19 -16.62
N VAL D 107 -19.57 -16.40 -16.69
CA VAL D 107 -20.25 -15.94 -15.48
C VAL D 107 -20.54 -17.08 -14.51
N ASP D 108 -21.19 -18.12 -15.00
CA ASP D 108 -21.50 -19.27 -14.16
C ASP D 108 -20.28 -19.82 -13.44
N ASN D 109 -19.14 -19.89 -14.12
CA ASN D 109 -17.90 -20.39 -13.51
C ASN D 109 -17.41 -19.47 -12.41
N PHE D 110 -17.46 -18.16 -12.68
CA PHE D 110 -17.01 -17.18 -11.69
C PHE D 110 -17.86 -17.29 -10.43
N ARG D 111 -19.17 -17.46 -10.60
CA ARG D 111 -20.09 -17.59 -9.47
C ARG D 111 -19.73 -18.85 -8.66
N LYS D 112 -19.40 -19.91 -9.38
CA LYS D 112 -19.02 -21.20 -8.79
C LYS D 112 -17.68 -21.12 -8.06
N ILE D 113 -16.76 -20.34 -8.61
CA ILE D 113 -15.46 -20.18 -7.99
C ILE D 113 -15.60 -19.32 -6.73
N MSE D 114 -16.50 -18.35 -6.77
CA MSE D 114 -16.74 -17.48 -5.63
C MSE D 114 -17.41 -18.26 -4.49
O MSE D 114 -17.12 -18.04 -3.31
CB MSE D 114 -17.66 -16.30 -5.99
CG MSE D 114 -16.96 -15.03 -6.42
SE MSE D 114 -15.79 -14.27 -5.05
CE MSE D 114 -14.41 -13.68 -6.25
N GLU D 115 -18.33 -19.14 -4.86
CA GLU D 115 -19.07 -19.96 -3.90
C GLU D 115 -18.15 -20.90 -3.15
N ILE D 116 -17.34 -21.67 -3.87
CA ILE D 116 -16.43 -22.64 -3.26
C ILE D 116 -15.27 -22.02 -2.49
N ASN D 117 -14.71 -20.95 -3.03
CA ASN D 117 -13.57 -20.29 -2.39
C ASN D 117 -13.88 -19.22 -1.36
N VAL D 118 -15.00 -18.52 -1.53
CA VAL D 118 -15.33 -17.43 -0.62
C VAL D 118 -16.55 -17.64 0.27
N ILE D 119 -17.65 -18.05 -0.33
CA ILE D 119 -18.87 -18.30 0.42
C ILE D 119 -18.67 -19.40 1.46
N ALA D 120 -18.14 -20.54 1.02
CA ALA D 120 -17.89 -21.67 1.91
C ALA D 120 -16.98 -21.26 3.08
N GLN D 121 -15.90 -20.55 2.74
CA GLN D 121 -14.96 -20.06 3.74
C GLN D 121 -15.70 -19.17 4.74
N TYR D 122 -16.56 -18.29 4.22
CA TYR D 122 -17.35 -17.39 5.06
C TYR D 122 -18.27 -18.17 5.99
N GLY D 123 -18.78 -19.30 5.49
CA GLY D 123 -19.66 -20.11 6.31
C GLY D 123 -18.90 -20.69 7.49
N ILE D 124 -17.72 -21.23 7.21
CA ILE D 124 -16.89 -21.81 8.26
C ILE D 124 -16.47 -20.76 9.29
N LEU D 125 -16.04 -19.60 8.82
CA LEU D 125 -15.63 -18.53 9.72
C LEU D 125 -16.83 -18.12 10.57
N LYS D 126 -17.98 -18.03 9.91
CA LYS D 126 -19.22 -17.64 10.57
C LYS D 126 -19.51 -18.54 11.77
N THR D 127 -19.41 -19.85 11.55
CA THR D 127 -19.67 -20.86 12.57
C THR D 127 -18.63 -20.83 13.68
N VAL D 128 -17.37 -20.86 13.30
CA VAL D 128 -16.27 -20.87 14.24
C VAL D 128 -16.14 -19.57 15.02
N THR D 129 -16.53 -18.46 14.40
CA THR D 129 -16.46 -17.16 15.05
C THR D 129 -17.49 -16.99 16.15
N GLU D 130 -18.66 -17.61 15.99
CA GLU D 130 -19.70 -17.52 16.99
C GLU D 130 -19.19 -18.19 18.25
N ILE D 131 -18.59 -19.36 18.07
CA ILE D 131 -18.04 -20.14 19.17
C ILE D 131 -16.94 -19.40 19.90
N MSE D 132 -16.00 -18.83 19.15
CA MSE D 132 -14.89 -18.11 19.76
C MSE D 132 -15.32 -16.87 20.52
O MSE D 132 -14.77 -16.58 21.58
CB MSE D 132 -13.85 -17.73 18.70
CG MSE D 132 -13.12 -18.91 18.09
SE MSE D 132 -11.76 -18.34 16.84
CE MSE D 132 -10.79 -20.01 16.65
N LYS D 133 -16.30 -16.13 19.98
CA LYS D 133 -16.75 -14.94 20.66
C LYS D 133 -17.36 -15.26 22.03
N VAL D 134 -18.01 -16.41 22.14
CA VAL D 134 -18.59 -16.81 23.41
C VAL D 134 -17.42 -17.10 24.35
N GLN D 135 -16.29 -17.45 23.75
CA GLN D 135 -15.06 -17.77 24.50
C GLN D 135 -14.24 -16.52 24.80
N LYS D 136 -14.49 -15.43 24.06
CA LYS D 136 -13.74 -14.19 24.24
C LYS D 136 -12.26 -14.48 23.96
N ASN D 137 -12.02 -15.55 23.23
CA ASN D 137 -10.65 -15.93 22.89
C ASN D 137 -10.61 -16.89 21.70
N GLY D 138 -9.46 -16.93 21.03
CA GLY D 138 -9.29 -17.80 19.89
C GLY D 138 -8.32 -17.21 18.90
N TYR D 139 -7.86 -18.02 17.95
CA TYR D 139 -6.94 -17.55 16.94
C TYR D 139 -7.27 -18.14 15.57
N ILE D 140 -7.46 -17.27 14.58
CA ILE D 140 -7.78 -17.70 13.24
C ILE D 140 -6.58 -17.47 12.34
N PHE D 141 -6.19 -18.51 11.61
CA PHE D 141 -5.07 -18.48 10.67
C PHE D 141 -5.56 -18.77 9.26
N ASN D 142 -5.23 -17.89 8.32
CA ASN D 142 -5.62 -18.07 6.93
C ASN D 142 -4.38 -18.30 6.07
N VAL D 143 -4.38 -19.38 5.28
CA VAL D 143 -3.26 -19.64 4.39
C VAL D 143 -3.68 -19.35 2.96
N ALA D 144 -3.14 -18.27 2.39
CA ALA D 144 -3.48 -17.86 1.04
C ALA D 144 -2.52 -18.46 0.02
N SER D 145 -2.15 -17.66 -0.97
CA SER D 145 -1.23 -18.07 -2.02
C SER D 145 -0.53 -16.81 -2.52
N ARG D 146 -0.85 -16.41 -3.74
CA ARG D 146 -0.31 -15.23 -4.44
C ARG D 146 0.65 -15.61 -5.56
N ASP D 154 -7.93 -14.64 -17.00
CA ASP D 154 -9.27 -15.16 -16.78
C ASP D 154 -10.29 -14.02 -16.63
N GLY D 155 -9.91 -12.84 -17.10
CA GLY D 155 -10.80 -11.71 -17.00
C GLY D 155 -11.01 -11.29 -15.55
N GLY D 156 -10.03 -11.61 -14.70
CA GLY D 156 -10.12 -11.23 -13.30
C GLY D 156 -10.68 -12.23 -12.29
N ILE D 157 -11.00 -13.44 -12.73
CA ILE D 157 -11.56 -14.43 -11.81
C ILE D 157 -10.66 -14.70 -10.58
N TYR D 158 -9.41 -15.10 -10.84
CA TYR D 158 -8.48 -15.37 -9.76
C TYR D 158 -8.23 -14.17 -8.83
N GLY D 159 -8.03 -13.00 -9.42
CA GLY D 159 -7.77 -11.81 -8.62
C GLY D 159 -8.92 -11.43 -7.71
N SER D 160 -10.13 -11.38 -8.27
CA SER D 160 -11.31 -11.02 -7.50
C SER D 160 -11.48 -11.97 -6.33
N THR D 161 -11.25 -13.26 -6.57
CA THR D 161 -11.39 -14.27 -5.56
C THR D 161 -10.34 -14.10 -4.46
N LYS D 162 -9.10 -13.87 -4.86
CA LYS D 162 -8.00 -13.69 -3.94
C LYS D 162 -8.25 -12.50 -3.00
N PHE D 163 -8.65 -11.37 -3.57
CA PHE D 163 -8.91 -10.18 -2.78
C PHE D 163 -10.17 -10.34 -1.92
N ALA D 164 -11.16 -11.07 -2.42
CA ALA D 164 -12.39 -11.27 -1.65
C ALA D 164 -12.03 -11.90 -0.31
N LEU D 165 -11.14 -12.90 -0.33
CA LEU D 165 -10.71 -13.56 0.89
C LEU D 165 -9.93 -12.58 1.78
N LEU D 166 -9.04 -11.80 1.16
CA LEU D 166 -8.27 -10.83 1.93
C LEU D 166 -9.18 -9.82 2.63
N GLY D 167 -10.09 -9.22 1.87
CA GLY D 167 -11.01 -8.24 2.45
C GLY D 167 -11.84 -8.82 3.58
N LEU D 168 -12.11 -10.12 3.48
CA LEU D 168 -12.88 -10.83 4.49
C LEU D 168 -11.99 -10.91 5.75
N ALA D 169 -10.76 -11.37 5.56
CA ALA D 169 -9.80 -11.49 6.65
C ALA D 169 -9.61 -10.12 7.31
N GLU D 170 -9.35 -9.11 6.49
CA GLU D 170 -9.15 -7.73 6.96
C GLU D 170 -10.25 -7.24 7.89
N SER D 171 -11.50 -7.48 7.49
CA SER D 171 -12.67 -7.06 8.26
C SER D 171 -12.79 -7.76 9.60
N LEU D 172 -12.56 -9.08 9.59
CA LEU D 172 -12.63 -9.90 10.77
C LEU D 172 -11.53 -9.50 11.75
N TYR D 173 -10.34 -9.22 11.21
CA TYR D 173 -9.19 -8.81 12.01
C TYR D 173 -9.58 -7.65 12.93
N ARG D 174 -10.08 -6.58 12.33
CA ARG D 174 -10.49 -5.37 13.05
C ARG D 174 -11.64 -5.52 14.03
N GLU D 175 -12.66 -6.30 13.68
CA GLU D 175 -13.81 -6.47 14.54
C GLU D 175 -13.70 -7.60 15.58
N LEU D 176 -12.77 -8.52 15.37
CA LEU D 176 -12.60 -9.62 16.32
C LEU D 176 -11.52 -9.33 17.35
N ALA D 177 -10.66 -8.36 17.05
CA ALA D 177 -9.58 -8.01 17.95
C ALA D 177 -10.10 -7.51 19.30
N PRO D 178 -11.06 -6.57 19.29
CA PRO D 178 -11.59 -6.06 20.56
C PRO D 178 -12.27 -7.14 21.40
N LEU D 179 -12.51 -8.29 20.80
CA LEU D 179 -13.17 -9.40 21.50
C LEU D 179 -12.21 -10.51 21.90
N GLY D 180 -10.92 -10.23 21.83
CA GLY D 180 -9.91 -11.21 22.21
C GLY D 180 -9.57 -12.24 21.18
N ILE D 181 -10.19 -12.16 20.00
CA ILE D 181 -9.92 -13.11 18.94
C ILE D 181 -8.96 -12.52 17.93
N ARG D 182 -7.93 -13.27 17.57
CA ARG D 182 -6.94 -12.80 16.63
C ARG D 182 -7.03 -13.48 15.27
N VAL D 183 -6.70 -12.71 14.23
CA VAL D 183 -6.73 -13.20 12.86
C VAL D 183 -5.44 -12.80 12.18
N THR D 184 -4.80 -13.76 11.51
CA THR D 184 -3.57 -13.52 10.78
C THR D 184 -3.59 -14.32 9.48
N THR D 185 -3.36 -13.64 8.36
CA THR D 185 -3.34 -14.34 7.09
C THR D 185 -1.90 -14.50 6.66
N LEU D 186 -1.52 -15.73 6.31
CA LEU D 186 -0.17 -16.00 5.85
C LEU D 186 -0.23 -16.10 4.33
N CYS D 187 0.56 -15.27 3.64
CA CYS D 187 0.59 -15.23 2.18
C CYS D 187 1.93 -15.63 1.57
N PRO D 188 2.12 -16.93 1.31
CA PRO D 188 3.38 -17.36 0.72
C PRO D 188 3.31 -17.53 -0.79
N GLY D 189 4.46 -17.46 -1.44
CA GLY D 189 4.48 -17.65 -2.87
C GLY D 189 4.28 -19.15 -3.06
N TRP D 190 5.24 -19.81 -3.69
CA TRP D 190 5.14 -21.25 -3.89
C TRP D 190 5.60 -22.05 -2.68
N VAL D 191 4.99 -23.21 -2.51
CA VAL D 191 5.29 -24.13 -1.42
C VAL D 191 4.84 -25.52 -1.88
N ASN D 192 5.48 -26.57 -1.40
CA ASN D 192 5.10 -27.93 -1.80
C ASN D 192 4.37 -28.68 -0.69
N ASP D 205 11.82 -30.15 -4.14
CA ASP D 205 12.45 -28.93 -4.63
C ASP D 205 12.33 -27.82 -3.57
N GLU D 206 13.41 -27.62 -2.83
CA GLU D 206 13.44 -26.62 -1.77
C GLU D 206 13.87 -25.23 -2.22
N GLU D 207 13.38 -24.83 -3.39
CA GLU D 207 13.67 -23.52 -3.95
C GLU D 207 12.43 -22.71 -3.60
N MSE D 208 11.50 -23.37 -2.90
CA MSE D 208 10.24 -22.77 -2.50
C MSE D 208 10.16 -22.67 -0.98
O MSE D 208 11.06 -23.08 -0.25
CB MSE D 208 9.07 -23.62 -2.98
CG MSE D 208 9.06 -23.93 -4.47
SE MSE D 208 7.54 -25.01 -4.93
CE MSE D 208 8.32 -26.77 -4.63
N ILE D 209 9.04 -22.13 -0.50
CA ILE D 209 8.80 -21.98 0.92
C ILE D 209 8.32 -23.33 1.46
N GLN D 210 9.04 -23.84 2.45
CA GLN D 210 8.71 -25.12 3.04
C GLN D 210 7.49 -25.04 3.95
N PRO D 211 6.68 -26.12 3.97
CA PRO D 211 5.47 -26.17 4.80
C PRO D 211 5.78 -25.95 6.29
N ASP D 212 6.98 -26.34 6.70
CA ASP D 212 7.37 -26.18 8.09
C ASP D 212 7.56 -24.72 8.44
N ASP D 213 7.81 -23.90 7.43
CA ASP D 213 7.99 -22.48 7.63
C ASP D 213 6.67 -21.82 8.02
N LEU D 214 5.58 -22.30 7.45
CA LEU D 214 4.27 -21.77 7.75
C LEU D 214 3.82 -22.24 9.13
N LEU D 215 4.17 -23.48 9.46
CA LEU D 215 3.83 -24.07 10.76
C LEU D 215 4.55 -23.36 11.89
N ASN D 216 5.86 -23.16 11.73
CA ASN D 216 6.67 -22.51 12.77
C ASN D 216 6.30 -21.04 12.96
N THR D 217 5.85 -20.39 11.89
CA THR D 217 5.46 -19.00 12.00
C THR D 217 4.18 -18.92 12.82
N ILE D 218 3.35 -19.96 12.71
CA ILE D 218 2.11 -20.03 13.47
C ILE D 218 2.44 -20.27 14.95
N ARG D 219 3.33 -21.21 15.23
CA ARG D 219 3.72 -21.47 16.61
C ARG D 219 4.22 -20.16 17.23
N CYS D 220 5.01 -19.41 16.48
CA CYS D 220 5.51 -18.14 16.95
C CYS D 220 4.34 -17.19 17.25
N LEU D 221 3.37 -17.16 16.35
CA LEU D 221 2.20 -16.29 16.50
C LEU D 221 1.43 -16.65 17.76
N LEU D 222 1.19 -17.94 17.95
CA LEU D 222 0.48 -18.42 19.12
C LEU D 222 1.18 -18.05 20.41
N ASN D 223 2.50 -17.83 20.35
CA ASN D 223 3.28 -17.50 21.53
C ASN D 223 3.56 -16.04 21.85
N LEU D 224 3.14 -15.13 20.98
CA LEU D 224 3.38 -13.71 21.22
C LEU D 224 2.53 -13.27 22.40
N SER D 225 2.80 -12.05 22.88
CA SER D 225 2.02 -11.50 23.98
C SER D 225 0.57 -11.64 23.61
N GLU D 226 -0.29 -11.74 24.60
CA GLU D 226 -1.71 -11.90 24.36
C GLU D 226 -2.35 -10.67 23.69
N ASN D 227 -1.70 -9.52 23.79
CA ASN D 227 -2.22 -8.30 23.20
C ASN D 227 -1.60 -7.90 21.87
N VAL D 228 -0.77 -8.77 21.30
CA VAL D 228 -0.12 -8.47 20.03
C VAL D 228 -0.91 -9.01 18.85
N CYS D 229 -1.13 -8.15 17.85
CA CYS D 229 -1.89 -8.53 16.66
C CYS D 229 -1.15 -8.26 15.36
N ILE D 230 -0.95 -9.31 14.58
CA ILE D 230 -0.28 -9.22 13.30
C ILE D 230 -1.32 -9.57 12.23
N LYS D 231 -1.63 -8.59 11.38
CA LYS D 231 -2.62 -8.80 10.33
C LYS D 231 -2.22 -9.91 9.37
N ASP D 232 -1.01 -9.85 8.86
CA ASP D 232 -0.54 -10.87 7.93
C ASP D 232 0.95 -10.86 7.73
N ILE D 233 1.44 -11.93 7.13
CA ILE D 233 2.86 -12.07 6.85
C ILE D 233 3.02 -12.56 5.43
N VAL D 234 3.83 -11.85 4.65
CA VAL D 234 4.06 -12.22 3.27
C VAL D 234 5.39 -12.93 3.05
N PHE D 235 5.32 -14.18 2.61
CA PHE D 235 6.49 -15.00 2.35
C PHE D 235 6.89 -15.00 0.87
N GLU D 236 8.09 -14.53 0.58
CA GLU D 236 8.58 -14.50 -0.80
C GLU D 236 9.76 -15.43 -0.97
N MSE D 237 9.81 -16.11 -2.11
CA MSE D 237 10.92 -17.02 -2.42
C MSE D 237 12.11 -16.17 -2.83
O MSE D 237 11.95 -15.16 -3.52
CB MSE D 237 10.56 -17.94 -3.58
CG MSE D 237 9.54 -19.02 -3.29
SE MSE D 237 8.98 -19.88 -4.96
CE MSE D 237 10.72 -20.11 -5.79
N LYS D 238 13.31 -16.57 -2.40
CA LYS D 238 14.51 -15.83 -2.76
C LYS D 238 14.58 -15.66 -4.28
N LYS D 239 14.51 -16.78 -5.00
CA LYS D 239 14.57 -16.77 -6.45
C LYS D 239 13.63 -15.79 -7.14
N SER D 240 12.43 -15.63 -6.58
CA SER D 240 11.41 -14.74 -7.14
C SER D 240 11.75 -13.25 -7.05
N ILE D 241 12.47 -12.86 -6.00
CA ILE D 241 12.84 -11.46 -5.79
C ILE D 241 13.50 -10.82 -7.01
N ILE D 242 14.50 -11.49 -7.56
CA ILE D 242 15.19 -10.97 -8.74
C ILE D 242 15.32 -12.08 -9.79
#